data_4OE4
#
_entry.id   4OE4
#
_cell.length_a   108.037
_cell.length_b   108.037
_cell.length_c   181.027
_cell.angle_alpha   90.000
_cell.angle_beta   90.000
_cell.angle_gamma   120.000
#
_symmetry.space_group_name_H-M   'P 63'
#
loop_
_entity.id
_entity.type
_entity.pdbx_description
1 polymer 'Delta-1-pyrroline-5-carboxylate dehydrogenase, mitochondrial'
2 non-polymer NICOTINAMIDE-ADENINE-DINUCLEOTIDE
3 water water
#
_entity_poly.entity_id   1
_entity_poly.type   'polypeptide(L)'
_entity_poly.pdbx_seq_one_letter_code
;MDHHHHHHHHASENLYFQGHMKPPKHIRNEPVKPFRNIDLKDWDLLRASLMKFKSSSLEVPLVINGERIYDNNERALFPQ
TNPANHQQVLANVTQATEKDVMNAVKAAKDAKKDWYNLPFYDRSAIFLKAADLISTKYRYDMLAATMLGQGKNVYQAEID
CITELSDFFRYYVKYASDLYAQQPVESADGTWNKAEYRPLEGFVYAVSPFNFTAIAANLIGAPALMGNTVVWKPSQTAAL
SNYLLMTVLEEAGLPKGVINFIPGDPVQVTDQVLADKDFGALHFTGSTNVFKSLYGKIQSGVVEGKYRDYPRIIGETGGK
NFHLVHPSANISHAVLSTIRGTFEFQGQKCSAASRLYLPESKSEEFLSDMFGILQSQNVVPMNTSASPISGGNLRGFMGP
VIHEQSFDKLVKVIEDAKKDPELEILYGGQYDKSQGWFVGPTVIKAKRPDHPYMSTEFFGPILTVYEYPDTEFNEICDII
DNTSQYALTGAIFAKDRKAIEYADEKLKFSAGNFYINDKCTGAVVSQQWFGGARMSGTDDKAGGPNILSRFVSIRNTKEN
FYELTDFKYPSNYEELGSGC
;
_entity_poly.pdbx_strand_id   A,B
#
loop_
_chem_comp.id
_chem_comp.type
_chem_comp.name
_chem_comp.formula
NAD non-polymer NICOTINAMIDE-ADENINE-DINUCLEOTIDE 'C21 H27 N7 O14 P2'
#
# COMPACT_ATOMS: atom_id res chain seq x y z
N ASP A 42 -44.96 -7.66 -8.97
CA ASP A 42 -43.67 -7.01 -8.71
C ASP A 42 -43.87 -5.75 -7.89
N TRP A 43 -44.66 -4.82 -8.43
CA TRP A 43 -44.99 -3.58 -7.74
C TRP A 43 -45.79 -3.85 -6.47
N ASP A 44 -46.62 -4.88 -6.51
CA ASP A 44 -47.41 -5.25 -5.35
C ASP A 44 -46.54 -5.85 -4.27
N LEU A 45 -45.56 -6.66 -4.65
CA LEU A 45 -44.63 -7.24 -3.69
C LEU A 45 -43.80 -6.13 -3.02
N LEU A 46 -43.46 -5.11 -3.80
CA LEU A 46 -42.65 -4.01 -3.31
C LEU A 46 -43.46 -3.17 -2.34
N ARG A 47 -44.70 -2.89 -2.73
CA ARG A 47 -45.60 -2.09 -1.90
C ARG A 47 -45.75 -2.75 -0.53
N ALA A 48 -45.91 -4.07 -0.54
CA ALA A 48 -46.03 -4.81 0.70
C ALA A 48 -44.78 -4.66 1.55
N SER A 49 -43.61 -4.73 0.92
CA SER A 49 -42.38 -4.54 1.66
C SER A 49 -42.33 -3.12 2.22
N LEU A 50 -42.69 -2.15 1.38
CA LEU A 50 -42.73 -0.76 1.82
C LEU A 50 -43.66 -0.58 3.03
N MET A 51 -44.85 -1.16 2.97
CA MET A 51 -45.87 -0.98 4.01
C MET A 51 -45.49 -1.67 5.29
N LYS A 52 -44.74 -2.76 5.16
CA LYS A 52 -44.20 -3.48 6.29
C LYS A 52 -43.30 -2.56 7.08
N PHE A 53 -42.19 -2.14 6.46
CA PHE A 53 -41.22 -1.25 7.12
C PHE A 53 -41.85 0.05 7.55
N LYS A 54 -42.91 0.47 6.87
CA LYS A 54 -43.57 1.74 7.17
C LYS A 54 -44.47 1.63 8.39
N SER A 55 -45.21 0.52 8.46
CA SER A 55 -46.21 0.32 9.53
C SER A 55 -45.68 0.58 10.94
N SER A 56 -44.48 0.08 11.20
CA SER A 56 -43.86 0.24 12.52
C SER A 56 -42.33 0.37 12.40
N SER A 57 -41.65 0.30 13.54
CA SER A 57 -40.21 0.49 13.57
C SER A 57 -39.51 -0.82 13.90
N LEU A 58 -38.45 -1.12 13.15
CA LEU A 58 -37.68 -2.32 13.41
C LEU A 58 -36.62 -2.05 14.47
N GLU A 59 -36.51 -2.95 15.43
CA GLU A 59 -35.39 -2.88 16.36
C GLU A 59 -34.21 -3.52 15.67
N VAL A 60 -33.14 -2.75 15.44
CA VAL A 60 -31.94 -3.29 14.80
C VAL A 60 -30.89 -3.54 15.85
N PRO A 61 -30.47 -4.80 15.99
CA PRO A 61 -29.53 -5.16 17.06
C PRO A 61 -28.08 -5.15 16.55
N LEU A 62 -27.13 -5.22 17.47
CA LEU A 62 -25.79 -5.60 17.08
C LEU A 62 -25.81 -7.08 16.71
N VAL A 63 -24.90 -7.48 15.85
CA VAL A 63 -24.66 -8.90 15.63
C VAL A 63 -23.21 -9.19 15.93
N ILE A 64 -22.96 -9.83 17.06
CA ILE A 64 -21.60 -10.12 17.49
C ILE A 64 -21.48 -11.62 17.71
N ASN A 65 -20.50 -12.23 17.03
CA ASN A 65 -20.32 -13.67 17.09
C ASN A 65 -21.61 -14.43 16.77
N GLY A 66 -22.38 -13.94 15.81
CA GLY A 66 -23.59 -14.61 15.36
C GLY A 66 -24.83 -14.40 16.22
N GLU A 67 -24.68 -13.67 17.31
CA GLU A 67 -25.82 -13.38 18.19
C GLU A 67 -26.29 -11.93 18.05
N ARG A 68 -27.60 -11.76 17.95
CA ARG A 68 -28.24 -10.45 17.95
C ARG A 68 -28.19 -9.86 19.34
N ILE A 69 -27.68 -8.64 19.47
CA ILE A 69 -27.65 -7.95 20.76
C ILE A 69 -28.48 -6.69 20.75
N TYR A 70 -29.52 -6.68 21.58
CA TYR A 70 -30.47 -5.58 21.60
C TYR A 70 -30.11 -4.56 22.69
N ASP A 71 -30.84 -3.44 22.74
CA ASP A 71 -30.46 -2.36 23.65
C ASP A 71 -30.58 -2.80 25.11
N ASN A 72 -31.50 -3.75 25.37
CA ASN A 72 -31.59 -4.39 26.67
C ASN A 72 -31.61 -3.37 27.83
N ASN A 73 -32.06 -2.15 27.54
CA ASN A 73 -32.18 -1.05 28.49
C ASN A 73 -30.84 -0.56 29.05
N GLU A 74 -29.78 -0.75 28.26
CA GLU A 74 -28.43 -0.43 28.67
C GLU A 74 -27.76 0.44 27.60
N ARG A 75 -28.01 0.07 26.35
CA ARG A 75 -27.35 0.72 25.24
C ARG A 75 -28.16 1.90 24.70
N ALA A 76 -27.48 2.86 24.08
CA ALA A 76 -28.18 3.94 23.38
C ALA A 76 -28.82 3.41 22.11
N LEU A 77 -29.72 4.22 21.57
CA LEU A 77 -30.40 3.93 20.33
C LEU A 77 -30.30 5.10 19.37
N PHE A 78 -30.16 4.79 18.08
CA PHE A 78 -30.23 5.80 17.04
C PHE A 78 -31.52 5.59 16.26
N PRO A 79 -32.38 6.61 16.20
CA PRO A 79 -33.58 6.44 15.39
C PRO A 79 -33.27 6.74 13.92
N GLN A 80 -33.27 5.71 13.08
CA GLN A 80 -33.08 5.95 11.66
C GLN A 80 -34.43 6.30 11.05
N THR A 81 -34.53 7.49 10.49
CA THR A 81 -35.80 7.97 9.95
C THR A 81 -35.79 8.02 8.43
N ASN A 82 -36.98 8.06 7.83
CA ASN A 82 -37.13 8.23 6.40
C ASN A 82 -36.72 9.65 6.00
N PRO A 83 -35.63 9.78 5.21
CA PRO A 83 -35.23 11.13 4.81
C PRO A 83 -36.26 11.86 3.94
N ALA A 84 -37.23 11.15 3.36
CA ALA A 84 -38.32 11.79 2.63
C ALA A 84 -39.50 12.12 3.52
N ASN A 85 -39.48 11.59 4.74
CA ASN A 85 -40.58 11.78 5.69
C ASN A 85 -40.03 11.55 7.10
N HIS A 86 -39.34 12.56 7.62
CA HIS A 86 -38.43 12.34 8.74
C HIS A 86 -39.07 12.22 10.11
N GLN A 87 -40.39 12.24 10.17
CA GLN A 87 -41.07 11.92 11.42
C GLN A 87 -41.24 10.41 11.49
N GLN A 88 -41.09 9.77 10.33
CA GLN A 88 -41.27 8.34 10.26
C GLN A 88 -39.98 7.60 10.61
N VAL A 89 -40.00 6.97 11.78
CA VAL A 89 -38.89 6.17 12.29
C VAL A 89 -38.96 4.77 11.73
N LEU A 90 -37.97 4.42 10.92
CA LEU A 90 -37.90 3.10 10.28
C LEU A 90 -37.27 2.06 11.19
N ALA A 91 -36.35 2.50 12.03
CA ALA A 91 -35.60 1.58 12.88
C ALA A 91 -35.03 2.27 14.09
N ASN A 92 -35.01 1.55 15.19
CA ASN A 92 -34.29 1.97 16.36
C ASN A 92 -33.04 1.13 16.41
N VAL A 93 -31.89 1.79 16.28
CA VAL A 93 -30.65 1.08 16.08
C VAL A 93 -29.80 1.03 17.31
N THR A 94 -29.65 -0.19 17.84
CA THR A 94 -28.79 -0.47 18.99
C THR A 94 -27.40 0.07 18.73
N GLN A 95 -26.82 0.69 19.76
CA GLN A 95 -25.53 1.36 19.68
C GLN A 95 -24.51 0.63 20.55
N ALA A 96 -23.43 0.20 19.91
CA ALA A 96 -22.40 -0.60 20.58
C ALA A 96 -21.69 0.11 21.74
N THR A 97 -21.56 -0.59 22.86
CA THR A 97 -20.76 -0.09 23.98
C THR A 97 -19.29 -0.43 23.75
N GLU A 98 -18.44 0.11 24.63
CA GLU A 98 -17.02 -0.20 24.58
C GLU A 98 -16.82 -1.70 24.76
N LYS A 99 -17.58 -2.28 25.68
CA LYS A 99 -17.51 -3.71 25.92
C LYS A 99 -17.96 -4.52 24.70
N ASP A 100 -19.08 -4.14 24.08
CA ASP A 100 -19.54 -4.76 22.83
C ASP A 100 -18.45 -4.74 21.77
N VAL A 101 -17.84 -3.58 21.57
CA VAL A 101 -16.78 -3.47 20.59
C VAL A 101 -15.63 -4.44 20.88
N MET A 102 -15.18 -4.46 22.13
CA MET A 102 -14.19 -5.44 22.57
C MET A 102 -14.62 -6.89 22.29
N ASN A 103 -15.89 -7.19 22.55
CA ASN A 103 -16.44 -8.51 22.21
C ASN A 103 -16.49 -8.76 20.70
N ALA A 104 -16.74 -7.69 19.93
CA ALA A 104 -16.71 -7.82 18.47
C ALA A 104 -15.31 -8.16 18.01
N VAL A 105 -14.34 -7.42 18.54
CA VAL A 105 -12.94 -7.64 18.19
C VAL A 105 -12.51 -9.06 18.60
N LYS A 106 -12.98 -9.49 19.77
CA LYS A 106 -12.67 -10.84 20.23
C LYS A 106 -13.29 -11.89 19.31
N ALA A 107 -14.55 -11.70 18.94
CA ALA A 107 -15.23 -12.65 18.08
C ALA A 107 -14.47 -12.82 16.77
N ALA A 108 -13.99 -11.71 16.21
CA ALA A 108 -13.29 -11.73 14.93
C ALA A 108 -12.00 -12.52 15.06
N LYS A 109 -11.27 -12.31 16.14
CA LYS A 109 -10.02 -13.02 16.37
C LYS A 109 -10.27 -14.51 16.58
N ASP A 110 -11.36 -14.85 17.29
CA ASP A 110 -11.66 -16.24 17.60
C ASP A 110 -12.12 -17.04 16.38
N ALA A 111 -12.69 -16.35 15.40
CA ALA A 111 -13.21 -17.03 14.21
C ALA A 111 -12.16 -17.15 13.13
N LYS A 112 -11.06 -16.41 13.31
CA LYS A 112 -10.07 -16.23 12.25
C LYS A 112 -9.56 -17.56 11.64
N LYS A 113 -8.95 -18.42 12.46
CA LYS A 113 -8.42 -19.70 11.98
C LYS A 113 -9.45 -20.60 11.28
N ASP A 114 -10.61 -20.82 11.89
CA ASP A 114 -11.62 -21.65 11.23
C ASP A 114 -12.14 -21.03 9.94
N TRP A 115 -11.98 -19.71 9.84
CA TRP A 115 -12.44 -19.02 8.64
C TRP A 115 -11.41 -19.14 7.53
N TYR A 116 -10.14 -18.85 7.81
CA TYR A 116 -9.21 -18.87 6.70
C TYR A 116 -8.89 -20.31 6.34
N ASN A 117 -9.14 -21.23 7.27
CA ASN A 117 -9.06 -22.67 6.96
C ASN A 117 -10.28 -23.23 6.26
N LEU A 118 -11.38 -22.47 6.22
CA LEU A 118 -12.53 -22.90 5.44
C LEU A 118 -12.17 -22.73 3.98
N PRO A 119 -12.35 -23.79 3.16
CA PRO A 119 -11.87 -23.72 1.79
C PRO A 119 -12.49 -22.56 1.04
N PHE A 120 -11.72 -21.99 0.11
CA PHE A 120 -12.16 -20.86 -0.70
C PHE A 120 -13.51 -21.14 -1.38
N TYR A 121 -13.69 -22.38 -1.86
CA TYR A 121 -14.93 -22.78 -2.47
C TYR A 121 -16.11 -22.43 -1.56
N ASP A 122 -15.97 -22.73 -0.28
CA ASP A 122 -17.05 -22.54 0.68
C ASP A 122 -17.19 -21.09 1.10
N ARG A 123 -16.08 -20.41 1.34
CA ARG A 123 -16.13 -18.97 1.62
C ARG A 123 -16.87 -18.23 0.50
N SER A 124 -16.46 -18.48 -0.74
CA SER A 124 -17.15 -17.92 -1.91
C SER A 124 -18.64 -18.23 -1.91
N ALA A 125 -18.98 -19.49 -1.68
CA ALA A 125 -20.37 -19.96 -1.74
C ALA A 125 -21.32 -19.09 -0.88
N ILE A 126 -20.84 -18.72 0.29
CA ILE A 126 -21.60 -17.90 1.22
C ILE A 126 -21.95 -16.56 0.58
N PHE A 127 -20.96 -15.94 -0.06
CA PHE A 127 -21.17 -14.66 -0.72
C PHE A 127 -21.99 -14.73 -1.99
N LEU A 128 -21.84 -15.80 -2.75
CA LEU A 128 -22.68 -16.03 -3.92
C LEU A 128 -24.13 -16.25 -3.48
N LYS A 129 -24.33 -17.11 -2.48
CA LYS A 129 -25.65 -17.34 -1.93
C LYS A 129 -26.31 -16.03 -1.45
N ALA A 130 -25.56 -15.22 -0.71
CA ALA A 130 -26.11 -13.95 -0.21
C ALA A 130 -26.54 -13.05 -1.37
N ALA A 131 -25.73 -12.98 -2.40
CA ALA A 131 -26.10 -12.21 -3.59
C ALA A 131 -27.39 -12.77 -4.23
N ASP A 132 -27.49 -14.09 -4.32
CA ASP A 132 -28.68 -14.64 -4.92
C ASP A 132 -29.93 -14.47 -4.04
N LEU A 133 -29.76 -14.60 -2.73
CA LEU A 133 -30.87 -14.40 -1.81
C LEU A 133 -31.37 -12.96 -1.91
N ILE A 134 -30.44 -12.03 -1.99
CA ILE A 134 -30.79 -10.62 -2.12
C ILE A 134 -31.47 -10.35 -3.47
N SER A 135 -31.01 -11.03 -4.53
CA SER A 135 -31.57 -10.80 -5.88
C SER A 135 -32.97 -11.36 -6.03
N THR A 136 -33.33 -12.31 -5.17
CA THR A 136 -34.59 -13.03 -5.33
C THR A 136 -35.45 -13.00 -4.07
N LYS A 137 -35.18 -13.91 -3.16
CA LYS A 137 -35.95 -14.07 -1.93
C LYS A 137 -36.18 -12.78 -1.15
N TYR A 138 -35.13 -11.96 -1.02
CA TYR A 138 -35.21 -10.78 -0.19
C TYR A 138 -35.15 -9.52 -1.04
N ARG A 139 -35.44 -9.67 -2.32
CA ARG A 139 -35.33 -8.56 -3.25
C ARG A 139 -36.21 -7.39 -2.80
N TYR A 140 -37.46 -7.68 -2.47
CA TYR A 140 -38.38 -6.59 -2.18
C TYR A 140 -38.10 -5.94 -0.83
N ASP A 141 -37.70 -6.74 0.16
CA ASP A 141 -37.34 -6.19 1.45
C ASP A 141 -36.10 -5.31 1.35
N MET A 142 -35.11 -5.77 0.61
CA MET A 142 -33.89 -5.00 0.47
C MET A 142 -34.15 -3.69 -0.29
N LEU A 143 -34.92 -3.76 -1.37
CA LEU A 143 -35.29 -2.55 -2.10
C LEU A 143 -35.96 -1.56 -1.16
N ALA A 144 -36.91 -2.05 -0.36
CA ALA A 144 -37.68 -1.19 0.54
C ALA A 144 -36.79 -0.58 1.62
N ALA A 145 -35.93 -1.39 2.22
CA ALA A 145 -35.03 -0.88 3.25
C ALA A 145 -34.10 0.20 2.69
N THR A 146 -33.66 0.03 1.46
CA THR A 146 -32.73 0.97 0.87
C THR A 146 -33.47 2.25 0.44
N MET A 147 -34.67 2.06 -0.13
CA MET A 147 -35.45 3.18 -0.60
C MET A 147 -35.84 4.05 0.57
N LEU A 148 -36.43 3.42 1.60
CA LEU A 148 -36.92 4.16 2.74
C LEU A 148 -35.78 4.72 3.58
N GLY A 149 -34.74 3.93 3.78
CA GLY A 149 -33.71 4.31 4.72
C GLY A 149 -32.72 5.31 4.15
N GLN A 150 -32.44 5.20 2.85
CA GLN A 150 -31.43 6.05 2.26
C GLN A 150 -31.99 7.07 1.27
N GLY A 151 -33.32 7.13 1.18
CA GLY A 151 -33.99 8.10 0.32
C GLY A 151 -33.83 7.90 -1.17
N LYS A 152 -33.85 6.64 -1.60
CA LYS A 152 -33.71 6.31 -3.02
C LYS A 152 -35.07 5.96 -3.59
N ASN A 153 -35.27 6.25 -4.87
CA ASN A 153 -36.41 5.70 -5.60
C ASN A 153 -36.09 4.24 -6.00
N VAL A 154 -37.09 3.52 -6.52
CA VAL A 154 -36.94 2.09 -6.77
C VAL A 154 -35.80 1.77 -7.76
N TYR A 155 -35.68 2.60 -8.80
CA TYR A 155 -34.63 2.44 -9.78
C TYR A 155 -33.23 2.60 -9.19
N GLN A 156 -33.06 3.61 -8.34
CA GLN A 156 -31.76 3.86 -7.71
C GLN A 156 -31.47 2.72 -6.75
N ALA A 157 -32.51 2.26 -6.06
CA ALA A 157 -32.30 1.21 -5.08
C ALA A 157 -31.92 -0.08 -5.82
N GLU A 158 -32.60 -0.36 -6.92
CA GLU A 158 -32.35 -1.62 -7.63
C GLU A 158 -30.92 -1.68 -8.15
N ILE A 159 -30.46 -0.58 -8.73
CA ILE A 159 -29.12 -0.49 -9.27
C ILE A 159 -28.05 -0.69 -8.18
N ASP A 160 -28.37 -0.23 -6.97
CA ASP A 160 -27.42 -0.27 -5.87
C ASP A 160 -27.50 -1.63 -5.17
N CYS A 161 -28.62 -1.86 -4.50
CA CYS A 161 -28.67 -2.92 -3.51
C CYS A 161 -28.99 -4.28 -4.12
N ILE A 162 -29.35 -4.30 -5.39
CA ILE A 162 -29.49 -5.58 -6.10
C ILE A 162 -28.33 -5.80 -7.06
N THR A 163 -28.28 -4.99 -8.12
CA THR A 163 -27.33 -5.19 -9.21
C THR A 163 -25.85 -4.98 -8.83
N GLU A 164 -25.49 -3.82 -8.31
CA GLU A 164 -24.09 -3.61 -7.96
C GLU A 164 -23.65 -4.51 -6.82
N LEU A 165 -24.51 -4.67 -5.82
CA LEU A 165 -24.17 -5.50 -4.67
C LEU A 165 -23.84 -6.91 -5.15
N SER A 166 -24.74 -7.50 -5.95
CA SER A 166 -24.51 -8.85 -6.49
C SER A 166 -23.26 -8.91 -7.34
N ASP A 167 -23.04 -7.90 -8.17
CA ASP A 167 -21.84 -7.84 -8.99
C ASP A 167 -20.55 -7.81 -8.17
N PHE A 168 -20.57 -7.12 -7.03
CA PHE A 168 -19.39 -7.07 -6.20
C PHE A 168 -18.99 -8.50 -5.77
N PHE A 169 -19.94 -9.21 -5.18
CA PHE A 169 -19.70 -10.55 -4.72
C PHE A 169 -19.30 -11.50 -5.86
N ARG A 170 -20.06 -11.45 -6.97
CA ARG A 170 -19.77 -12.35 -8.10
C ARG A 170 -18.43 -12.09 -8.74
N TYR A 171 -18.07 -10.81 -8.91
CA TYR A 171 -16.77 -10.50 -9.51
C TYR A 171 -15.60 -10.74 -8.56
N TYR A 172 -15.80 -10.51 -7.27
CA TYR A 172 -14.73 -10.78 -6.33
C TYR A 172 -14.46 -12.27 -6.29
N VAL A 173 -15.52 -13.07 -6.27
CA VAL A 173 -15.35 -14.52 -6.25
C VAL A 173 -14.53 -14.96 -7.47
N LYS A 174 -14.87 -14.42 -8.64
CA LYS A 174 -14.13 -14.76 -9.85
C LYS A 174 -12.66 -14.30 -9.82
N TYR A 175 -12.42 -13.07 -9.41
CA TYR A 175 -11.05 -12.57 -9.31
C TYR A 175 -10.26 -13.39 -8.29
N ALA A 176 -10.86 -13.67 -7.15
CA ALA A 176 -10.15 -14.37 -6.09
C ALA A 176 -9.79 -15.77 -6.56
N SER A 177 -10.71 -16.39 -7.28
CA SER A 177 -10.47 -17.74 -7.78
C SER A 177 -9.25 -17.76 -8.68
N ASP A 178 -9.06 -16.69 -9.45
CA ASP A 178 -7.83 -16.54 -10.25
C ASP A 178 -6.61 -16.48 -9.33
N LEU A 179 -6.64 -15.57 -8.35
CA LEU A 179 -5.55 -15.47 -7.39
C LEU A 179 -5.18 -16.81 -6.77
N TYR A 180 -6.18 -17.56 -6.31
CA TYR A 180 -5.92 -18.82 -5.63
C TYR A 180 -5.47 -19.93 -6.57
N ALA A 181 -5.58 -19.69 -7.87
CA ALA A 181 -5.19 -20.70 -8.86
C ALA A 181 -3.68 -20.71 -9.01
N GLN A 182 -2.98 -21.15 -7.97
CA GLN A 182 -1.53 -21.20 -8.00
C GLN A 182 -1.06 -22.63 -7.88
N GLN A 183 -0.39 -23.11 -8.91
CA GLN A 183 0.19 -24.45 -8.85
C GLN A 183 1.69 -24.41 -8.55
N PRO A 184 2.17 -25.40 -7.80
CA PRO A 184 3.59 -25.48 -7.48
C PRO A 184 4.43 -25.81 -8.72
N VAL A 185 5.67 -25.33 -8.74
CA VAL A 185 6.56 -25.49 -9.88
C VAL A 185 7.97 -25.90 -9.48
N GLU A 186 8.56 -26.81 -10.24
CA GLU A 186 9.97 -27.13 -10.09
C GLU A 186 10.78 -26.16 -10.91
N SER A 187 11.46 -25.23 -10.26
CA SER A 187 12.32 -24.24 -10.92
C SER A 187 13.48 -24.87 -11.66
N ALA A 188 14.21 -24.05 -12.41
CA ALA A 188 15.37 -24.51 -13.16
C ALA A 188 16.44 -25.03 -12.21
N ASP A 189 16.56 -24.40 -11.04
CA ASP A 189 17.56 -24.77 -10.06
C ASP A 189 17.27 -26.11 -9.39
N GLY A 190 16.15 -26.72 -9.75
CA GLY A 190 15.76 -27.97 -9.16
C GLY A 190 14.94 -27.86 -7.87
N THR A 191 14.68 -26.64 -7.42
CA THR A 191 13.90 -26.46 -6.21
C THR A 191 12.40 -26.56 -6.52
N TRP A 192 11.61 -26.74 -5.47
CA TRP A 192 10.20 -27.08 -5.59
C TRP A 192 9.42 -26.04 -4.79
N ASN A 193 8.69 -25.21 -5.51
CA ASN A 193 8.13 -23.98 -4.96
C ASN A 193 6.62 -23.97 -5.04
N LYS A 194 5.99 -23.40 -4.02
CA LYS A 194 4.58 -23.06 -4.07
C LYS A 194 4.44 -21.69 -3.47
N ALA A 195 3.44 -20.94 -3.93
CA ALA A 195 3.17 -19.65 -3.36
C ALA A 195 1.76 -19.73 -2.83
N GLU A 196 1.53 -19.17 -1.66
CA GLU A 196 0.18 -19.09 -1.12
C GLU A 196 -0.13 -17.68 -0.63
N TYR A 197 -1.38 -17.27 -0.83
CA TYR A 197 -1.87 -16.02 -0.30
C TYR A 197 -2.49 -16.26 1.05
N ARG A 198 -1.99 -15.59 2.07
CA ARG A 198 -2.60 -15.72 3.39
C ARG A 198 -3.38 -14.43 3.66
N PRO A 199 -4.39 -14.48 4.54
CA PRO A 199 -5.05 -13.21 4.87
C PRO A 199 -4.13 -12.32 5.72
N LEU A 200 -4.53 -11.09 6.02
CA LEU A 200 -3.81 -10.26 6.99
C LEU A 200 -3.87 -10.96 8.33
N GLU A 201 -2.87 -10.74 9.16
CA GLU A 201 -2.83 -11.42 10.44
C GLU A 201 -3.77 -10.78 11.44
N GLY A 202 -3.89 -9.45 11.39
CA GLY A 202 -4.82 -8.76 12.27
C GLY A 202 -6.19 -8.67 11.63
N PHE A 203 -7.18 -8.19 12.37
CA PHE A 203 -8.54 -8.09 11.85
C PHE A 203 -8.72 -6.82 11.02
N VAL A 204 -9.82 -6.78 10.27
CA VAL A 204 -10.15 -5.64 9.42
C VAL A 204 -11.31 -4.84 10.03
N TYR A 205 -11.17 -3.52 10.03
CA TYR A 205 -12.22 -2.63 10.51
C TYR A 205 -12.87 -2.00 9.29
N ALA A 206 -14.11 -2.39 9.00
CA ALA A 206 -14.87 -1.82 7.88
C ALA A 206 -15.75 -0.69 8.36
N VAL A 207 -15.54 0.48 7.76
CA VAL A 207 -16.35 1.66 8.06
C VAL A 207 -17.03 2.13 6.77
N SER A 208 -18.34 1.98 6.71
CA SER A 208 -19.04 2.08 5.44
C SER A 208 -19.95 3.31 5.42
N PRO A 209 -20.20 3.88 4.23
CA PRO A 209 -20.96 5.12 4.07
C PRO A 209 -22.46 4.85 3.92
N PHE A 210 -23.30 5.89 3.96
CA PHE A 210 -24.74 5.71 3.87
C PHE A 210 -25.21 5.47 2.46
N ASN A 211 -24.45 5.95 1.47
CA ASN A 211 -25.02 6.19 0.17
C ASN A 211 -25.28 4.99 -0.75
N PHE A 212 -24.46 3.96 -0.64
CA PHE A 212 -24.76 2.71 -1.38
C PHE A 212 -24.71 1.52 -0.45
N THR A 213 -25.79 0.77 -0.41
CA THR A 213 -25.83 -0.50 0.30
C THR A 213 -24.74 -1.41 -0.25
N ALA A 214 -24.52 -1.35 -1.58
CA ALA A 214 -23.52 -2.19 -2.23
C ALA A 214 -22.10 -1.87 -1.78
N ILE A 215 -21.85 -0.62 -1.41
CA ILE A 215 -20.51 -0.29 -0.93
C ILE A 215 -20.24 -0.94 0.43
N ALA A 216 -21.24 -1.00 1.30
CA ALA A 216 -21.10 -1.74 2.57
C ALA A 216 -20.77 -3.21 2.26
N ALA A 217 -21.47 -3.79 1.29
CA ALA A 217 -21.19 -5.18 0.90
C ALA A 217 -19.75 -5.37 0.41
N ASN A 218 -19.29 -4.43 -0.41
CA ASN A 218 -17.91 -4.41 -0.87
C ASN A 218 -16.90 -4.35 0.27
N LEU A 219 -17.13 -3.42 1.19
CA LEU A 219 -16.17 -3.16 2.26
C LEU A 219 -15.97 -4.36 3.20
N ILE A 220 -17.04 -5.11 3.45
CA ILE A 220 -16.92 -6.30 4.30
C ILE A 220 -16.55 -7.55 3.48
N GLY A 221 -17.03 -7.63 2.24
CA GLY A 221 -16.91 -8.85 1.43
C GLY A 221 -15.53 -9.09 0.84
N ALA A 222 -14.90 -8.04 0.35
CA ALA A 222 -13.55 -8.13 -0.19
C ALA A 222 -12.56 -8.69 0.84
N PRO A 223 -12.44 -8.06 2.04
CA PRO A 223 -11.52 -8.71 3.00
C PRO A 223 -11.99 -10.12 3.42
N ALA A 224 -13.27 -10.30 3.68
CA ALA A 224 -13.71 -11.59 4.24
C ALA A 224 -13.46 -12.76 3.29
N LEU A 225 -13.71 -12.52 2.00
CA LEU A 225 -13.53 -13.54 0.97
C LEU A 225 -12.11 -14.10 0.97
N MET A 226 -11.15 -13.25 1.31
CA MET A 226 -9.76 -13.62 1.28
C MET A 226 -9.30 -14.19 2.61
N GLY A 227 -10.27 -14.61 3.43
CA GLY A 227 -9.99 -15.19 4.73
C GLY A 227 -9.72 -14.25 5.89
N ASN A 228 -10.02 -12.97 5.74
CA ASN A 228 -9.92 -12.05 6.87
C ASN A 228 -11.20 -12.07 7.71
N THR A 229 -11.11 -11.68 8.97
CA THR A 229 -12.33 -11.44 9.75
C THR A 229 -12.51 -9.95 10.03
N VAL A 230 -13.73 -9.57 10.39
CA VAL A 230 -14.17 -8.20 10.18
C VAL A 230 -15.01 -7.65 11.30
N VAL A 231 -14.66 -6.44 11.70
CA VAL A 231 -15.45 -5.70 12.66
C VAL A 231 -15.99 -4.52 11.84
N TRP A 232 -17.32 -4.43 11.74
CA TRP A 232 -17.98 -3.55 10.76
C TRP A 232 -18.92 -2.55 11.45
N LYS A 233 -18.58 -1.26 11.38
CA LYS A 233 -19.45 -0.19 11.86
C LYS A 233 -20.18 0.50 10.70
N PRO A 234 -21.44 0.14 10.46
CA PRO A 234 -22.13 0.80 9.33
C PRO A 234 -22.51 2.24 9.65
N SER A 235 -22.84 2.97 8.59
CA SER A 235 -23.39 4.31 8.72
C SER A 235 -24.70 4.23 9.51
N GLN A 236 -24.89 5.17 10.43
CA GLN A 236 -26.14 5.28 11.16
C GLN A 236 -27.33 5.32 10.22
N THR A 237 -27.19 6.02 9.09
CA THR A 237 -28.32 6.26 8.24
C THR A 237 -28.44 5.27 7.07
N ALA A 238 -27.74 4.14 7.18
CA ALA A 238 -28.03 2.98 6.32
C ALA A 238 -28.15 1.72 7.16
N ALA A 239 -28.47 1.90 8.44
CA ALA A 239 -28.54 0.78 9.36
C ALA A 239 -29.53 -0.30 8.90
N LEU A 240 -30.71 0.11 8.45
CA LEU A 240 -31.75 -0.85 8.07
C LEU A 240 -31.31 -1.77 6.93
N SER A 241 -30.83 -1.18 5.82
CA SER A 241 -30.42 -1.99 4.69
C SER A 241 -29.17 -2.80 5.02
N ASN A 242 -28.27 -2.19 5.79
CA ASN A 242 -27.04 -2.85 6.16
C ASN A 242 -27.32 -4.03 7.11
N TYR A 243 -28.27 -3.86 8.00
CA TYR A 243 -28.64 -4.97 8.89
C TYR A 243 -29.20 -6.15 8.10
N LEU A 244 -30.08 -5.84 7.16
CA LEU A 244 -30.64 -6.84 6.28
C LEU A 244 -29.52 -7.59 5.57
N LEU A 245 -28.55 -6.85 5.04
CA LEU A 245 -27.39 -7.47 4.42
C LEU A 245 -26.72 -8.45 5.38
N MET A 246 -26.50 -8.02 6.62
CA MET A 246 -25.91 -8.86 7.65
C MET A 246 -26.73 -10.14 7.88
N THR A 247 -28.03 -10.00 8.04
CA THR A 247 -28.87 -11.16 8.31
C THR A 247 -28.90 -12.11 7.10
N VAL A 248 -28.77 -11.57 5.90
CA VAL A 248 -28.75 -12.42 4.70
C VAL A 248 -27.45 -13.21 4.65
N LEU A 249 -26.34 -12.54 4.95
CA LEU A 249 -25.05 -13.23 5.07
C LEU A 249 -25.09 -14.39 6.07
N GLU A 250 -25.74 -14.19 7.21
CA GLU A 250 -25.90 -15.28 8.20
C GLU A 250 -26.74 -16.42 7.66
N GLU A 251 -27.89 -16.09 7.07
CA GLU A 251 -28.72 -17.11 6.46
C GLU A 251 -27.95 -17.88 5.38
N ALA A 252 -27.10 -17.19 4.63
CA ALA A 252 -26.30 -17.83 3.60
C ALA A 252 -25.16 -18.68 4.19
N GLY A 253 -25.06 -18.69 5.52
CA GLY A 253 -24.10 -19.54 6.20
C GLY A 253 -22.79 -18.93 6.69
N LEU A 254 -22.70 -17.60 6.77
CA LEU A 254 -21.48 -16.98 7.29
C LEU A 254 -21.24 -17.47 8.71
N PRO A 255 -20.08 -18.07 8.98
CA PRO A 255 -19.86 -18.56 10.35
C PRO A 255 -19.74 -17.41 11.36
N LYS A 256 -20.10 -17.70 12.61
CA LYS A 256 -20.13 -16.69 13.66
C LYS A 256 -18.79 -15.98 13.84
N GLY A 257 -18.85 -14.67 14.01
CA GLY A 257 -17.67 -13.87 14.30
C GLY A 257 -16.81 -13.49 13.10
N VAL A 258 -17.16 -13.99 11.92
CA VAL A 258 -16.35 -13.65 10.74
C VAL A 258 -16.57 -12.19 10.37
N ILE A 259 -17.82 -11.75 10.47
CA ILE A 259 -18.14 -10.35 10.28
C ILE A 259 -18.99 -9.96 11.46
N ASN A 260 -18.66 -8.86 12.12
CA ASN A 260 -19.40 -8.42 13.28
C ASN A 260 -20.01 -7.05 13.03
N PHE A 261 -21.32 -6.95 13.24
CA PHE A 261 -22.11 -5.79 12.92
C PHE A 261 -22.24 -4.96 14.17
N ILE A 262 -21.49 -3.86 14.23
CA ILE A 262 -21.48 -2.99 15.41
C ILE A 262 -21.78 -1.50 15.12
N PRO A 263 -23.02 -1.18 14.76
CA PRO A 263 -23.41 0.22 14.70
C PRO A 263 -23.22 0.87 16.06
N GLY A 264 -22.95 2.17 16.06
CA GLY A 264 -22.84 2.88 17.32
C GLY A 264 -22.22 4.23 17.02
N ASP A 265 -21.86 4.96 18.08
CA ASP A 265 -21.28 6.27 17.93
C ASP A 265 -19.96 6.16 17.16
N PRO A 266 -19.82 6.90 16.05
CA PRO A 266 -18.70 6.65 15.13
C PRO A 266 -17.35 6.86 15.79
N VAL A 267 -17.23 7.90 16.60
CA VAL A 267 -16.01 8.20 17.36
C VAL A 267 -15.70 7.20 18.47
N GLN A 268 -16.68 6.88 19.32
CA GLN A 268 -16.45 5.94 20.41
C GLN A 268 -16.11 4.55 19.88
N VAL A 269 -16.86 4.08 18.90
CA VAL A 269 -16.62 2.77 18.33
C VAL A 269 -15.23 2.73 17.70
N THR A 270 -14.93 3.73 16.87
CA THR A 270 -13.64 3.82 16.22
C THR A 270 -12.49 3.84 17.22
N ASP A 271 -12.62 4.64 18.27
CA ASP A 271 -11.54 4.73 19.25
C ASP A 271 -11.31 3.39 19.93
N GLN A 272 -12.36 2.62 20.17
CA GLN A 272 -12.16 1.35 20.87
C GLN A 272 -11.57 0.30 19.93
N VAL A 273 -12.05 0.25 18.70
CA VAL A 273 -11.49 -0.66 17.70
C VAL A 273 -9.98 -0.43 17.54
N LEU A 274 -9.61 0.83 17.38
CA LEU A 274 -8.22 1.21 17.15
C LEU A 274 -7.31 0.99 18.35
N ALA A 275 -7.91 0.84 19.53
CA ALA A 275 -7.14 0.55 20.73
C ALA A 275 -6.56 -0.86 20.69
N ASP A 276 -7.08 -1.73 19.83
CA ASP A 276 -6.64 -3.13 19.88
C ASP A 276 -5.36 -3.46 19.12
N LYS A 277 -4.44 -4.16 19.78
CA LYS A 277 -3.12 -4.43 19.22
C LYS A 277 -3.17 -5.26 17.92
N ASP A 278 -4.27 -5.98 17.74
CA ASP A 278 -4.43 -6.82 16.58
C ASP A 278 -5.09 -6.14 15.39
N PHE A 279 -5.30 -4.83 15.48
CA PHE A 279 -5.85 -4.08 14.36
C PHE A 279 -4.94 -4.24 13.13
N GLY A 280 -5.51 -4.74 12.04
CA GLY A 280 -4.73 -5.06 10.85
C GLY A 280 -5.02 -4.22 9.61
N ALA A 281 -6.25 -3.74 9.47
CA ALA A 281 -6.57 -2.88 8.34
C ALA A 281 -7.85 -2.07 8.54
N LEU A 282 -7.84 -0.86 7.98
CA LEU A 282 -9.04 -0.06 7.85
C LEU A 282 -9.53 -0.20 6.43
N HIS A 283 -10.80 -0.57 6.27
CA HIS A 283 -11.40 -0.52 4.95
C HIS A 283 -12.52 0.52 5.00
N PHE A 284 -12.30 1.66 4.36
CA PHE A 284 -13.15 2.82 4.54
C PHE A 284 -13.64 3.40 3.23
N THR A 285 -14.89 3.84 3.21
CA THR A 285 -15.40 4.68 2.13
C THR A 285 -16.25 5.75 2.75
N GLY A 286 -16.00 7.00 2.36
CA GLY A 286 -16.72 8.12 2.91
C GLY A 286 -15.96 9.41 2.67
N SER A 287 -16.13 10.37 3.56
CA SER A 287 -15.61 11.71 3.35
C SER A 287 -14.11 11.81 3.62
N THR A 288 -13.48 12.75 2.92
CA THR A 288 -12.07 13.06 3.11
C THR A 288 -11.72 13.42 4.53
N ASN A 289 -12.55 14.25 5.16
CA ASN A 289 -12.26 14.69 6.51
C ASN A 289 -12.32 13.55 7.53
N VAL A 290 -13.31 12.68 7.39
CA VAL A 290 -13.37 11.54 8.30
C VAL A 290 -12.15 10.61 8.07
N PHE A 291 -11.82 10.36 6.80
CA PHE A 291 -10.65 9.56 6.47
C PHE A 291 -9.39 10.09 7.13
N LYS A 292 -9.16 11.40 6.97
CA LYS A 292 -8.02 12.05 7.61
C LYS A 292 -8.05 11.89 9.11
N SER A 293 -9.24 11.99 9.71
CA SER A 293 -9.36 11.73 11.14
C SER A 293 -8.93 10.29 11.44
N LEU A 294 -9.48 9.33 10.70
CA LEU A 294 -9.13 7.93 10.94
C LEU A 294 -7.64 7.69 10.71
N TYR A 295 -7.12 8.27 9.63
CA TYR A 295 -5.74 8.09 9.22
C TYR A 295 -4.82 8.60 10.31
N GLY A 296 -5.11 9.80 10.78
CA GLY A 296 -4.41 10.38 11.90
C GLY A 296 -4.39 9.45 13.10
N LYS A 297 -5.56 8.95 13.50
CA LYS A 297 -5.62 8.09 14.68
C LYS A 297 -4.80 6.81 14.51
N ILE A 298 -4.82 6.25 13.31
CA ILE A 298 -4.05 5.04 13.05
C ILE A 298 -2.54 5.27 13.13
N GLN A 299 -2.06 6.29 12.43
CA GLN A 299 -0.63 6.57 12.38
C GLN A 299 -0.07 6.91 13.75
N SER A 300 -0.83 7.68 14.52
CA SER A 300 -0.39 7.97 15.86
C SER A 300 -0.29 6.66 16.65
N GLY A 301 -1.22 5.75 16.43
CA GLY A 301 -1.14 4.44 17.06
C GLY A 301 0.10 3.68 16.64
N VAL A 302 0.49 3.84 15.38
CA VAL A 302 1.66 3.15 14.84
C VAL A 302 2.93 3.61 15.52
N VAL A 303 3.13 4.92 15.60
CA VAL A 303 4.36 5.47 16.17
C VAL A 303 4.47 5.24 17.68
N GLU A 304 3.34 5.25 18.38
CA GLU A 304 3.30 4.91 19.80
C GLU A 304 3.48 3.40 19.99
N GLY A 305 3.47 2.66 18.87
CA GLY A 305 3.77 1.24 18.89
C GLY A 305 2.70 0.28 19.40
N LYS A 306 1.42 0.64 19.29
CA LYS A 306 0.41 -0.20 19.93
C LYS A 306 -0.14 -1.32 19.06
N TYR A 307 0.42 -1.50 17.86
CA TYR A 307 -0.05 -2.52 16.91
C TYR A 307 1.03 -3.56 16.64
N ARG A 308 0.61 -4.81 16.50
CA ARG A 308 1.54 -5.90 16.20
C ARG A 308 2.10 -5.74 14.78
N ASP A 309 1.28 -5.22 13.87
CA ASP A 309 1.67 -5.02 12.48
C ASP A 309 1.44 -3.58 12.06
N TYR A 310 2.09 -3.17 10.97
CA TYR A 310 1.74 -1.93 10.29
C TYR A 310 0.38 -2.11 9.63
N PRO A 311 -0.64 -1.43 10.15
CA PRO A 311 -1.96 -1.66 9.55
C PRO A 311 -2.04 -1.11 8.13
N ARG A 312 -2.87 -1.75 7.31
CA ARG A 312 -3.09 -1.28 5.96
C ARG A 312 -4.30 -0.36 5.98
N ILE A 313 -4.23 0.70 5.20
CA ILE A 313 -5.28 1.68 5.18
C ILE A 313 -5.79 1.79 3.76
N ILE A 314 -6.95 1.19 3.54
CA ILE A 314 -7.57 1.16 2.24
C ILE A 314 -8.80 2.06 2.29
N GLY A 315 -8.68 3.27 1.76
CA GLY A 315 -9.75 4.25 1.81
C GLY A 315 -10.16 4.81 0.45
N GLU A 316 -11.46 4.88 0.22
CA GLU A 316 -12.01 5.56 -0.95
C GLU A 316 -12.74 6.81 -0.48
N THR A 317 -12.23 7.97 -0.84
CA THR A 317 -12.82 9.22 -0.42
C THR A 317 -13.53 9.86 -1.60
N GLY A 318 -13.87 11.13 -1.44
CA GLY A 318 -14.63 11.80 -2.48
C GLY A 318 -13.74 12.58 -3.40
N GLY A 319 -14.36 13.54 -4.08
CA GLY A 319 -13.68 14.41 -5.00
C GLY A 319 -14.59 15.56 -5.34
N LYS A 320 -14.03 16.58 -5.95
CA LYS A 320 -14.84 17.60 -6.55
C LYS A 320 -14.70 17.27 -8.03
N ASN A 321 -15.62 16.48 -8.55
CA ASN A 321 -15.50 15.93 -9.90
C ASN A 321 -16.00 16.93 -10.92
N PHE A 322 -15.38 16.96 -12.09
CA PHE A 322 -15.65 18.03 -13.05
C PHE A 322 -16.19 17.54 -14.38
N HIS A 323 -17.04 18.36 -14.99
CA HIS A 323 -17.36 18.25 -16.41
C HIS A 323 -16.74 19.46 -17.10
N LEU A 324 -15.95 19.18 -18.14
CA LEU A 324 -15.34 20.21 -18.96
C LEU A 324 -15.95 20.13 -20.37
N VAL A 325 -16.59 21.20 -20.80
CA VAL A 325 -17.20 21.28 -22.11
C VAL A 325 -16.34 22.12 -23.05
N HIS A 326 -15.95 21.51 -24.17
CA HIS A 326 -15.22 22.17 -25.25
C HIS A 326 -16.23 22.77 -26.20
N PRO A 327 -15.88 23.86 -26.89
CA PRO A 327 -16.89 24.47 -27.77
C PRO A 327 -17.37 23.56 -28.90
N SER A 328 -16.61 22.53 -29.23
CA SER A 328 -16.99 21.61 -30.28
C SER A 328 -17.97 20.54 -29.80
N ALA A 329 -18.38 20.58 -28.53
CA ALA A 329 -19.18 19.50 -27.98
C ALA A 329 -20.60 19.43 -28.55
N ASN A 330 -21.18 18.24 -28.60
CA ASN A 330 -22.64 18.18 -28.75
C ASN A 330 -23.27 18.70 -27.47
N ILE A 331 -23.96 19.84 -27.55
CA ILE A 331 -24.41 20.56 -26.37
C ILE A 331 -25.51 19.83 -25.63
N SER A 332 -26.47 19.30 -26.40
CA SER A 332 -27.61 18.62 -25.81
C SER A 332 -27.17 17.40 -25.00
N HIS A 333 -26.33 16.54 -25.61
CA HIS A 333 -25.77 15.42 -24.89
C HIS A 333 -25.01 15.88 -23.64
N ALA A 334 -24.22 16.95 -23.76
CA ALA A 334 -23.44 17.44 -22.63
C ALA A 334 -24.35 17.94 -21.51
N VAL A 335 -25.46 18.58 -21.88
CA VAL A 335 -26.46 19.03 -20.90
C VAL A 335 -27.07 17.86 -20.14
N LEU A 336 -27.59 16.88 -20.88
CA LEU A 336 -28.26 15.76 -20.24
C LEU A 336 -27.30 14.94 -19.38
N SER A 337 -26.06 14.77 -19.85
CA SER A 337 -25.07 14.04 -19.08
C SER A 337 -24.72 14.79 -17.81
N THR A 338 -24.69 16.12 -17.90
CA THR A 338 -24.41 16.93 -16.72
C THR A 338 -25.57 16.91 -15.72
N ILE A 339 -26.80 16.97 -16.23
CA ILE A 339 -27.95 16.87 -15.34
C ILE A 339 -27.89 15.53 -14.59
N ARG A 340 -27.68 14.45 -15.34
CA ARG A 340 -27.59 13.13 -14.72
C ARG A 340 -26.37 13.02 -13.78
N GLY A 341 -25.20 13.46 -14.24
CA GLY A 341 -23.99 13.31 -13.44
C GLY A 341 -24.02 14.10 -12.13
N THR A 342 -24.78 15.17 -12.09
CA THR A 342 -24.80 16.08 -10.96
C THR A 342 -25.95 15.82 -9.98
N PHE A 343 -27.14 15.55 -10.52
CA PHE A 343 -28.35 15.62 -9.69
C PHE A 343 -28.95 14.26 -9.36
N GLU A 344 -28.48 13.21 -10.03
CA GLU A 344 -28.92 11.85 -9.75
C GLU A 344 -28.62 11.52 -8.29
N PHE A 345 -29.62 10.99 -7.58
CA PHE A 345 -29.50 10.72 -6.16
C PHE A 345 -29.03 11.95 -5.38
N GLN A 346 -29.51 13.11 -5.80
CA GLN A 346 -29.19 14.39 -5.15
C GLN A 346 -27.68 14.70 -5.07
N GLY A 347 -26.91 14.21 -6.02
CA GLY A 347 -25.48 14.45 -6.03
C GLY A 347 -24.71 13.68 -4.95
N GLN A 348 -25.36 12.69 -4.34
CA GLN A 348 -24.75 11.96 -3.21
C GLN A 348 -23.97 10.73 -3.64
N LYS A 349 -23.08 10.94 -4.60
CA LYS A 349 -22.21 9.90 -5.08
C LYS A 349 -20.78 10.43 -5.06
N CYS A 350 -19.83 9.60 -4.65
CA CYS A 350 -18.43 9.99 -4.69
C CYS A 350 -17.99 10.49 -6.08
N SER A 351 -18.67 10.01 -7.13
CA SER A 351 -18.30 10.35 -8.50
C SER A 351 -19.19 11.44 -9.11
N ALA A 352 -20.15 11.95 -8.34
CA ALA A 352 -21.04 13.04 -8.79
C ALA A 352 -20.28 14.22 -9.41
N ALA A 353 -20.78 14.76 -10.51
CA ALA A 353 -20.25 16.02 -11.03
C ALA A 353 -20.68 17.16 -10.09
N SER A 354 -19.76 18.06 -9.75
CA SER A 354 -20.18 19.24 -8.99
C SER A 354 -19.54 20.53 -9.49
N ARG A 355 -18.63 20.43 -10.44
CA ARG A 355 -18.14 21.65 -11.08
C ARG A 355 -18.19 21.48 -12.58
N LEU A 356 -18.51 22.57 -13.28
CA LEU A 356 -18.72 22.54 -14.72
C LEU A 356 -17.98 23.71 -15.37
N TYR A 357 -17.24 23.43 -16.44
CA TYR A 357 -16.55 24.48 -17.18
C TYR A 357 -17.19 24.58 -18.55
N LEU A 358 -17.75 25.76 -18.84
CA LEU A 358 -18.45 26.01 -20.11
C LEU A 358 -17.73 27.07 -20.92
N PRO A 359 -17.62 26.86 -22.23
CA PRO A 359 -17.09 27.95 -23.04
C PRO A 359 -18.11 29.08 -23.12
N GLU A 360 -17.66 30.32 -23.09
CA GLU A 360 -18.56 31.46 -23.21
C GLU A 360 -19.53 31.42 -24.41
N SER A 361 -19.04 31.01 -25.58
CA SER A 361 -19.90 31.01 -26.77
C SER A 361 -21.07 30.03 -26.65
N LYS A 362 -20.95 29.02 -25.79
CA LYS A 362 -21.99 27.98 -25.70
C LYS A 362 -22.78 28.06 -24.41
N SER A 363 -22.42 29.00 -23.55
CA SER A 363 -22.96 29.08 -22.21
C SER A 363 -24.46 29.28 -22.17
N GLU A 364 -24.94 30.30 -22.87
CA GLU A 364 -26.36 30.62 -22.87
C GLU A 364 -27.17 29.43 -23.36
N GLU A 365 -26.71 28.80 -24.44
CA GLU A 365 -27.43 27.67 -24.99
C GLU A 365 -27.46 26.48 -24.02
N PHE A 366 -26.29 26.12 -23.48
CA PHE A 366 -26.17 25.00 -22.55
C PHE A 366 -27.07 25.24 -21.34
N LEU A 367 -26.93 26.41 -20.72
CA LEU A 367 -27.67 26.70 -19.50
C LEU A 367 -29.17 26.76 -19.75
N SER A 368 -29.58 27.39 -20.86
CA SER A 368 -30.99 27.40 -21.22
C SER A 368 -31.59 26.02 -21.35
N ASP A 369 -30.95 25.15 -22.12
CA ASP A 369 -31.41 23.79 -22.24
C ASP A 369 -31.49 23.14 -20.86
N MET A 370 -30.44 23.33 -20.05
CA MET A 370 -30.38 22.69 -18.74
C MET A 370 -31.52 23.14 -17.87
N PHE A 371 -31.72 24.43 -17.78
CA PHE A 371 -32.76 24.95 -16.93
C PHE A 371 -34.14 24.54 -17.45
N GLY A 372 -34.34 24.57 -18.75
CA GLY A 372 -35.61 24.13 -19.31
C GLY A 372 -35.87 22.67 -19.00
N ILE A 373 -34.83 21.84 -19.10
CA ILE A 373 -34.98 20.43 -18.81
C ILE A 373 -35.22 20.17 -17.32
N LEU A 374 -34.49 20.88 -16.46
CA LEU A 374 -34.73 20.78 -15.03
C LEU A 374 -36.15 21.23 -14.73
N GLN A 375 -36.59 22.29 -15.41
CA GLN A 375 -37.94 22.79 -15.24
C GLN A 375 -39.02 21.78 -15.62
N SER A 376 -38.87 21.19 -16.80
CA SER A 376 -39.85 20.23 -17.32
C SER A 376 -40.09 19.01 -16.42
N GLN A 377 -39.13 18.67 -15.57
CA GLN A 377 -39.26 17.50 -14.69
C GLN A 377 -40.29 17.76 -13.59
N PHE A 397 -37.71 19.05 -6.58
CA PHE A 397 -37.10 18.04 -5.71
C PHE A 397 -37.15 16.66 -6.38
N MET A 398 -35.98 16.07 -6.61
CA MET A 398 -35.93 14.77 -7.25
C MET A 398 -35.98 13.65 -6.21
N GLY A 399 -35.68 14.02 -4.96
CA GLY A 399 -35.57 13.10 -3.84
C GLY A 399 -34.89 13.87 -2.72
N PRO A 400 -34.87 13.33 -1.50
CA PRO A 400 -34.26 14.06 -0.37
C PRO A 400 -32.74 13.83 -0.26
N VAL A 401 -32.05 14.69 0.49
CA VAL A 401 -30.68 14.39 0.92
C VAL A 401 -30.83 13.58 2.21
N ILE A 402 -29.74 13.01 2.70
CA ILE A 402 -29.79 11.90 3.66
C ILE A 402 -30.24 12.27 5.07
N HIS A 403 -29.82 13.42 5.57
CA HIS A 403 -30.18 13.82 6.94
C HIS A 403 -30.12 15.32 7.15
N GLU A 404 -30.49 15.74 8.35
CA GLU A 404 -30.64 17.16 8.66
C GLU A 404 -29.32 17.89 8.60
N GLN A 405 -28.26 17.20 8.99
CA GLN A 405 -26.93 17.78 9.02
C GLN A 405 -26.48 18.12 7.60
N SER A 406 -26.75 17.23 6.66
CA SER A 406 -26.50 17.52 5.25
C SER A 406 -27.43 18.63 4.74
N PHE A 407 -28.70 18.56 5.09
CA PHE A 407 -29.64 19.61 4.70
C PHE A 407 -29.14 20.98 5.16
N ASP A 408 -28.75 21.08 6.43
CA ASP A 408 -28.32 22.37 6.99
C ASP A 408 -27.02 22.88 6.32
N LYS A 409 -26.07 21.99 6.02
CA LYS A 409 -24.84 22.42 5.33
C LYS A 409 -25.18 23.02 3.97
N LEU A 410 -26.06 22.35 3.25
CA LEU A 410 -26.48 22.77 1.93
C LEU A 410 -27.25 24.10 1.94
N VAL A 411 -28.05 24.32 2.98
CA VAL A 411 -28.75 25.58 3.12
C VAL A 411 -27.73 26.70 3.27
N LYS A 412 -26.69 26.45 4.06
CA LYS A 412 -25.64 27.43 4.27
C LYS A 412 -24.91 27.74 2.96
N VAL A 413 -24.65 26.70 2.18
CA VAL A 413 -23.99 26.86 0.90
C VAL A 413 -24.80 27.79 0.00
N ILE A 414 -26.11 27.54 -0.04
CA ILE A 414 -27.01 28.29 -0.90
C ILE A 414 -27.15 29.74 -0.41
N GLU A 415 -27.38 29.88 0.89
CA GLU A 415 -27.55 31.22 1.47
C GLU A 415 -26.28 32.06 1.35
N ASP A 416 -25.13 31.44 1.62
CA ASP A 416 -23.86 32.13 1.47
C ASP A 416 -23.66 32.59 0.01
N ALA A 417 -24.10 31.76 -0.94
CA ALA A 417 -23.97 32.12 -2.36
C ALA A 417 -24.68 33.45 -2.64
N LYS A 418 -25.78 33.71 -1.93
CA LYS A 418 -26.55 34.92 -2.19
C LYS A 418 -25.80 36.16 -1.73
N LYS A 419 -24.82 35.99 -0.85
CA LYS A 419 -24.14 37.14 -0.25
C LYS A 419 -22.75 37.36 -0.84
N ASP A 420 -22.34 36.48 -1.76
CA ASP A 420 -21.02 36.52 -2.37
C ASP A 420 -21.10 37.16 -3.75
N PRO A 421 -20.38 38.27 -3.95
CA PRO A 421 -20.39 38.98 -5.24
C PRO A 421 -19.81 38.16 -6.40
N GLU A 422 -18.96 37.19 -6.11
CA GLU A 422 -18.40 36.33 -7.16
C GLU A 422 -19.26 35.11 -7.49
N LEU A 423 -20.38 34.96 -6.76
CA LEU A 423 -21.29 33.84 -6.99
C LEU A 423 -22.63 34.34 -7.46
N GLU A 424 -23.31 33.54 -8.26
CA GLU A 424 -24.67 33.87 -8.65
C GLU A 424 -25.50 32.62 -8.84
N ILE A 425 -26.62 32.54 -8.13
CA ILE A 425 -27.50 31.40 -8.30
C ILE A 425 -28.29 31.55 -9.58
N LEU A 426 -27.98 30.71 -10.57
CA LEU A 426 -28.63 30.81 -11.87
C LEU A 426 -29.94 30.07 -11.88
N TYR A 427 -30.04 29.04 -11.05
CA TYR A 427 -31.22 28.20 -11.03
C TYR A 427 -31.32 27.52 -9.71
N GLY A 428 -32.54 27.40 -9.20
CA GLY A 428 -32.84 26.53 -8.08
C GLY A 428 -32.57 27.16 -6.74
N GLY A 429 -31.88 26.45 -5.85
CA GLY A 429 -31.59 26.98 -4.53
C GLY A 429 -32.75 26.89 -3.56
N GLN A 430 -33.77 26.13 -3.90
CA GLN A 430 -34.91 25.94 -3.01
C GLN A 430 -34.70 24.78 -2.06
N TYR A 431 -35.23 24.91 -0.86
CA TYR A 431 -35.09 23.89 0.16
C TYR A 431 -36.28 23.96 1.10
N ASP A 432 -36.62 22.83 1.72
CA ASP A 432 -37.79 22.71 2.59
C ASP A 432 -37.60 21.46 3.45
N LYS A 433 -37.54 21.63 4.76
CA LYS A 433 -37.31 20.51 5.67
C LYS A 433 -38.59 20.22 6.46
N SER A 434 -39.73 20.73 6.01
CA SER A 434 -40.98 20.51 6.75
C SER A 434 -41.43 19.05 6.78
N GLN A 435 -41.14 18.28 5.74
CA GLN A 435 -41.55 16.87 5.69
C GLN A 435 -40.35 15.93 5.57
N GLY A 436 -39.46 16.20 4.62
CA GLY A 436 -38.23 15.45 4.46
C GLY A 436 -37.09 16.44 4.22
N TRP A 437 -35.87 15.94 3.99
CA TRP A 437 -34.73 16.85 3.77
C TRP A 437 -34.60 17.16 2.30
N PHE A 438 -35.42 18.10 1.83
CA PHE A 438 -35.51 18.37 0.39
C PHE A 438 -34.77 19.64 -0.03
N VAL A 439 -33.75 19.45 -0.86
CA VAL A 439 -32.99 20.55 -1.46
C VAL A 439 -33.09 20.34 -2.95
N GLY A 440 -33.52 21.37 -3.66
CA GLY A 440 -33.73 21.24 -5.09
C GLY A 440 -32.43 21.43 -5.83
N PRO A 441 -32.42 21.02 -7.11
CA PRO A 441 -31.25 21.17 -7.98
C PRO A 441 -30.86 22.64 -7.95
N THR A 442 -29.56 22.93 -7.86
CA THR A 442 -29.11 24.31 -7.73
C THR A 442 -27.89 24.49 -8.60
N VAL A 443 -27.89 25.53 -9.43
CA VAL A 443 -26.75 25.84 -10.29
C VAL A 443 -26.25 27.23 -9.95
N ILE A 444 -25.00 27.30 -9.51
CA ILE A 444 -24.38 28.53 -9.07
C ILE A 444 -23.20 28.85 -9.99
N LYS A 445 -23.19 30.07 -10.54
CA LYS A 445 -22.11 30.54 -11.39
C LYS A 445 -21.01 31.20 -10.54
N ALA A 446 -19.77 30.78 -10.70
CA ALA A 446 -18.66 31.43 -10.01
C ALA A 446 -17.92 32.31 -10.99
N LYS A 447 -17.50 33.48 -10.54
CA LYS A 447 -16.89 34.45 -11.45
C LYS A 447 -15.36 34.35 -11.51
N ARG A 448 -14.78 33.45 -10.71
CA ARG A 448 -13.38 33.06 -10.89
C ARG A 448 -13.25 31.54 -10.76
N PRO A 449 -12.27 30.96 -11.47
CA PRO A 449 -12.22 29.50 -11.56
C PRO A 449 -11.69 28.83 -10.30
N ASP A 450 -10.97 29.58 -9.47
CA ASP A 450 -10.42 29.05 -8.21
C ASP A 450 -11.22 29.49 -7.00
N HIS A 451 -12.45 29.93 -7.23
CA HIS A 451 -13.36 30.20 -6.14
C HIS A 451 -13.56 28.92 -5.32
N PRO A 452 -13.68 29.06 -3.99
CA PRO A 452 -13.92 27.94 -3.08
C PRO A 452 -15.09 27.05 -3.50
N TYR A 453 -16.15 27.60 -4.09
CA TYR A 453 -17.25 26.73 -4.51
C TYR A 453 -16.84 25.82 -5.66
N MET A 454 -15.70 26.08 -6.31
CA MET A 454 -15.18 25.20 -7.35
C MET A 454 -14.34 24.07 -6.77
N SER A 455 -14.01 24.13 -5.48
CA SER A 455 -13.20 23.08 -4.90
C SER A 455 -13.80 22.41 -3.65
N THR A 456 -14.68 23.10 -2.95
CA THR A 456 -15.27 22.50 -1.75
C THR A 456 -16.36 21.48 -2.08
N GLU A 457 -16.27 20.31 -1.44
CA GLU A 457 -17.19 19.21 -1.72
C GLU A 457 -18.47 19.43 -0.90
N PHE A 458 -19.62 19.49 -1.57
CA PHE A 458 -20.90 19.74 -0.88
C PHE A 458 -21.76 18.49 -0.73
N PHE A 459 -21.52 17.47 -1.57
CA PHE A 459 -22.30 16.23 -1.54
C PHE A 459 -23.80 16.49 -1.47
N GLY A 460 -24.32 17.17 -2.48
CA GLY A 460 -25.72 17.58 -2.53
C GLY A 460 -25.97 18.09 -3.94
N PRO A 461 -27.21 18.46 -4.26
CA PRO A 461 -27.55 18.74 -5.65
C PRO A 461 -27.18 20.17 -6.03
N ILE A 462 -25.90 20.48 -5.92
CA ILE A 462 -25.39 21.82 -6.20
C ILE A 462 -24.25 21.79 -7.22
N LEU A 463 -24.45 22.45 -8.33
CA LEU A 463 -23.45 22.52 -9.38
C LEU A 463 -22.85 23.92 -9.42
N THR A 464 -21.54 24.01 -9.38
CA THR A 464 -20.88 25.31 -9.54
C THR A 464 -20.35 25.43 -10.97
N VAL A 465 -20.67 26.52 -11.65
CA VAL A 465 -20.26 26.65 -13.05
C VAL A 465 -19.33 27.84 -13.29
N TYR A 466 -18.25 27.59 -14.01
CA TYR A 466 -17.35 28.66 -14.43
C TYR A 466 -17.30 28.72 -15.95
N GLU A 467 -17.46 29.92 -16.50
CA GLU A 467 -17.50 30.14 -17.94
C GLU A 467 -16.19 30.73 -18.41
N TYR A 468 -15.55 30.09 -19.37
CA TYR A 468 -14.24 30.53 -19.82
C TYR A 468 -14.32 30.96 -21.28
N PRO A 469 -13.55 32.00 -21.64
CA PRO A 469 -13.47 32.41 -23.06
C PRO A 469 -12.95 31.26 -23.91
N ASP A 470 -13.62 31.02 -25.04
CA ASP A 470 -13.33 29.86 -25.88
C ASP A 470 -11.86 29.65 -26.16
N THR A 471 -11.14 30.75 -26.41
CA THR A 471 -9.71 30.65 -26.76
C THR A 471 -8.86 30.14 -25.61
N GLU A 472 -9.40 30.22 -24.39
CA GLU A 472 -8.63 29.83 -23.23
C GLU A 472 -8.83 28.37 -22.78
N PHE A 473 -9.29 27.51 -23.69
CA PHE A 473 -9.55 26.09 -23.37
C PHE A 473 -8.31 25.40 -22.84
N ASN A 474 -7.18 25.56 -23.53
CA ASN A 474 -5.93 24.96 -23.04
C ASN A 474 -5.57 25.46 -21.64
N GLU A 475 -5.73 26.77 -21.44
CA GLU A 475 -5.43 27.40 -20.14
C GLU A 475 -6.32 26.84 -19.04
N ILE A 476 -7.59 26.62 -19.35
CA ILE A 476 -8.51 26.06 -18.37
C ILE A 476 -8.12 24.63 -17.96
N CYS A 477 -7.51 23.86 -18.87
CA CYS A 477 -7.11 22.50 -18.51
C CYS A 477 -5.97 22.55 -17.50
N ASP A 478 -5.07 23.51 -17.71
CA ASP A 478 -3.93 23.74 -16.81
C ASP A 478 -4.45 24.15 -15.46
N ILE A 479 -5.47 25.00 -15.45
CA ILE A 479 -6.05 25.49 -14.21
C ILE A 479 -6.62 24.33 -13.41
N ILE A 480 -7.11 23.31 -14.10
CA ILE A 480 -7.66 22.15 -13.40
C ILE A 480 -6.54 21.24 -12.87
N ASP A 481 -5.59 20.95 -13.75
CA ASP A 481 -4.42 20.15 -13.40
C ASP A 481 -3.62 20.77 -12.26
N ASN A 482 -3.38 22.08 -12.32
CA ASN A 482 -2.59 22.76 -11.30
C ASN A 482 -3.43 23.30 -10.14
N THR A 483 -4.66 22.81 -10.00
CA THR A 483 -5.53 23.22 -8.90
C THR A 483 -6.65 22.20 -8.64
N TYR A 486 -7.56 17.45 -7.00
CA TYR A 486 -7.92 16.38 -6.08
C TYR A 486 -9.26 15.75 -6.44
N ALA A 487 -9.31 14.99 -7.53
CA ALA A 487 -10.59 14.48 -8.03
C ALA A 487 -10.59 13.01 -8.35
N LEU A 488 -11.74 12.40 -8.09
CA LEU A 488 -11.98 11.01 -8.39
C LEU A 488 -12.29 10.80 -9.87
N THR A 489 -13.24 11.59 -10.40
CA THR A 489 -13.64 11.42 -11.79
C THR A 489 -13.69 12.78 -12.48
N GLY A 490 -13.62 12.75 -13.81
CA GLY A 490 -13.79 13.96 -14.61
C GLY A 490 -14.15 13.58 -16.03
N ALA A 491 -14.66 14.54 -16.77
CA ALA A 491 -15.14 14.27 -18.13
C ALA A 491 -14.94 15.46 -19.03
N ILE A 492 -14.66 15.17 -20.28
CA ILE A 492 -14.66 16.19 -21.30
C ILE A 492 -15.72 15.87 -22.33
N PHE A 493 -16.43 16.90 -22.76
CA PHE A 493 -17.41 16.79 -23.81
C PHE A 493 -16.88 17.63 -24.96
N ALA A 494 -16.71 16.98 -26.11
CA ALA A 494 -16.03 17.58 -27.26
C ALA A 494 -16.15 16.62 -28.43
N LYS A 495 -16.04 17.16 -29.65
CA LYS A 495 -15.92 16.35 -30.86
C LYS A 495 -14.49 16.39 -31.38
N ASP A 496 -13.84 17.54 -31.17
CA ASP A 496 -12.49 17.79 -31.67
C ASP A 496 -11.45 16.91 -30.99
N ARG A 497 -10.81 16.03 -31.76
CA ARG A 497 -9.88 15.04 -31.20
C ARG A 497 -8.61 15.64 -30.60
N LYS A 498 -8.16 16.77 -31.16
CA LYS A 498 -6.96 17.44 -30.66
C LYS A 498 -7.22 17.94 -29.25
N ALA A 499 -8.36 18.59 -29.06
CA ALA A 499 -8.75 19.07 -27.74
C ALA A 499 -8.94 17.90 -26.76
N ILE A 500 -9.58 16.83 -27.23
CA ILE A 500 -9.78 15.66 -26.38
C ILE A 500 -8.44 15.11 -25.95
N GLU A 501 -7.52 14.93 -26.89
CA GLU A 501 -6.19 14.39 -26.57
C GLU A 501 -5.41 15.29 -25.60
N TYR A 502 -5.44 16.59 -25.86
CA TYR A 502 -4.74 17.54 -25.00
C TYR A 502 -5.27 17.47 -23.56
N ALA A 503 -6.60 17.48 -23.42
CA ALA A 503 -7.23 17.38 -22.10
C ALA A 503 -6.92 16.02 -21.46
N ASP A 504 -7.04 14.94 -22.25
CA ASP A 504 -6.73 13.60 -21.79
C ASP A 504 -5.36 13.59 -21.13
N GLU A 505 -4.35 14.17 -21.80
CA GLU A 505 -2.99 14.17 -21.26
C GLU A 505 -2.74 15.18 -20.13
N LYS A 506 -3.20 16.42 -20.29
CA LYS A 506 -3.01 17.44 -19.26
C LYS A 506 -3.73 17.10 -17.97
N LEU A 507 -4.84 16.39 -18.07
CA LEU A 507 -5.63 16.08 -16.89
C LEU A 507 -5.34 14.67 -16.39
N LYS A 508 -4.22 14.09 -16.84
CA LYS A 508 -3.94 12.69 -16.48
C LYS A 508 -3.83 12.47 -14.97
N PHE A 509 -3.38 13.48 -14.22
CA PHE A 509 -3.32 13.37 -12.76
C PHE A 509 -4.51 14.01 -12.02
N SER A 510 -5.50 14.49 -12.78
CA SER A 510 -6.59 15.26 -12.18
C SER A 510 -7.83 14.43 -11.93
N ALA A 511 -7.78 13.15 -12.30
CA ALA A 511 -8.90 12.23 -12.07
C ALA A 511 -8.44 10.81 -12.35
N GLY A 512 -8.92 9.86 -11.57
CA GLY A 512 -8.55 8.47 -11.76
C GLY A 512 -9.35 7.84 -12.87
N ASN A 513 -10.56 8.34 -13.04
CA ASN A 513 -11.40 7.92 -14.16
C ASN A 513 -11.76 9.12 -15.01
N PHE A 514 -11.37 9.09 -16.27
CA PHE A 514 -11.58 10.20 -17.16
C PHE A 514 -12.56 9.75 -18.20
N TYR A 515 -13.58 10.56 -18.50
CA TYR A 515 -14.61 10.15 -19.43
C TYR A 515 -14.66 11.09 -20.61
N ILE A 516 -14.93 10.54 -21.78
CA ILE A 516 -15.04 11.35 -22.99
C ILE A 516 -16.50 11.27 -23.44
N ASN A 517 -17.18 12.40 -23.41
CA ASN A 517 -18.59 12.48 -23.80
C ASN A 517 -19.45 11.52 -23.00
N ASP A 518 -19.10 11.38 -21.74
CA ASP A 518 -19.89 10.58 -20.83
C ASP A 518 -19.89 11.29 -19.49
N LYS A 519 -21.00 11.17 -18.76
CA LYS A 519 -21.06 11.72 -17.41
C LYS A 519 -19.95 11.10 -16.55
N CYS A 520 -19.44 11.90 -15.59
CA CYS A 520 -18.30 11.46 -14.80
C CYS A 520 -18.71 10.46 -13.71
N THR A 521 -19.99 10.12 -13.66
CA THR A 521 -20.47 9.02 -12.82
C THR A 521 -20.53 7.71 -13.63
N GLY A 522 -20.29 7.80 -14.93
CA GLY A 522 -20.30 6.62 -15.79
C GLY A 522 -21.69 6.06 -16.04
N ASN A 546 -8.22 -6.67 -7.81
CA ASN A 546 -6.94 -6.03 -7.46
C ASN A 546 -6.98 -5.39 -6.08
N ILE A 547 -8.18 -5.02 -5.64
CA ILE A 547 -8.39 -4.58 -4.28
C ILE A 547 -8.27 -5.79 -3.33
N LEU A 548 -8.54 -6.97 -3.85
CA LEU A 548 -8.42 -8.21 -3.07
C LEU A 548 -6.98 -8.41 -2.62
N SER A 549 -6.04 -8.04 -3.47
CA SER A 549 -4.65 -8.23 -3.16
C SER A 549 -4.18 -7.37 -1.96
N ARG A 550 -4.88 -6.25 -1.71
CA ARG A 550 -4.59 -5.46 -0.52
C ARG A 550 -4.97 -6.19 0.77
N PHE A 551 -5.77 -7.26 0.67
CA PHE A 551 -6.21 -7.96 1.88
C PHE A 551 -5.56 -9.33 2.09
N VAL A 552 -4.51 -9.59 1.33
CA VAL A 552 -3.74 -10.81 1.52
C VAL A 552 -2.27 -10.49 1.50
N SER A 553 -1.46 -11.47 1.86
CA SER A 553 -0.02 -11.33 1.76
C SER A 553 0.53 -12.62 1.11
N ILE A 554 1.52 -12.47 0.23
CA ILE A 554 2.11 -13.64 -0.42
C ILE A 554 3.14 -14.28 0.47
N ARG A 555 3.17 -15.61 0.45
CA ARG A 555 4.12 -16.35 1.24
C ARG A 555 4.62 -17.49 0.38
N ASN A 556 5.93 -17.55 0.16
CA ASN A 556 6.52 -18.57 -0.70
C ASN A 556 7.21 -19.64 0.12
N THR A 557 7.00 -20.90 -0.29
CA THR A 557 7.70 -22.01 0.30
C THR A 557 8.62 -22.53 -0.79
N LYS A 558 9.89 -22.71 -0.45
CA LYS A 558 10.84 -23.26 -1.40
C LYS A 558 11.51 -24.46 -0.75
N GLU A 559 11.45 -25.60 -1.42
CA GLU A 559 12.08 -26.78 -0.89
C GLU A 559 13.28 -27.19 -1.74
N ASN A 560 14.38 -27.52 -1.09
CA ASN A 560 15.57 -27.97 -1.79
C ASN A 560 15.89 -29.42 -1.44
N PHE A 561 16.36 -30.17 -2.43
CA PHE A 561 16.55 -31.61 -2.28
C PHE A 561 18.01 -32.04 -2.18
N TYR A 562 18.91 -31.21 -2.68
CA TYR A 562 20.33 -31.54 -2.64
C TYR A 562 20.92 -31.37 -1.24
N GLU A 563 21.73 -32.32 -0.82
CA GLU A 563 22.37 -32.27 0.49
C GLU A 563 23.84 -31.95 0.36
N LEU A 564 24.25 -30.83 0.98
CA LEU A 564 25.63 -30.35 0.91
C LEU A 564 26.64 -31.33 1.52
N ASP B 42 42.28 -11.98 -16.49
CA ASP B 42 40.99 -11.72 -15.85
C ASP B 42 41.13 -11.42 -14.36
N TRP B 43 41.87 -12.27 -13.65
CA TRP B 43 42.23 -11.99 -12.27
C TRP B 43 43.23 -10.83 -12.27
N ASP B 44 44.03 -10.76 -13.34
CA ASP B 44 44.90 -9.63 -13.57
C ASP B 44 44.08 -8.35 -13.72
N LEU B 45 42.94 -8.45 -14.38
CA LEU B 45 42.07 -7.30 -14.61
C LEU B 45 41.48 -6.82 -13.30
N LEU B 46 41.14 -7.78 -12.44
CA LEU B 46 40.56 -7.46 -11.15
C LEU B 46 41.63 -6.85 -10.27
N ARG B 47 42.79 -7.49 -10.24
CA ARG B 47 43.91 -7.00 -9.44
C ARG B 47 44.20 -5.55 -9.80
N ALA B 48 44.18 -5.26 -11.09
CA ALA B 48 44.45 -3.90 -11.57
C ALA B 48 43.40 -2.91 -11.08
N SER B 49 42.12 -3.32 -11.12
CA SER B 49 41.05 -2.48 -10.59
C SER B 49 41.19 -2.26 -9.08
N LEU B 50 41.46 -3.33 -8.35
CA LEU B 50 41.69 -3.22 -6.90
C LEU B 50 42.84 -2.26 -6.58
N MET B 51 43.95 -2.38 -7.31
CA MET B 51 45.10 -1.52 -7.06
C MET B 51 44.81 -0.06 -7.36
N LYS B 52 44.07 0.21 -8.45
CA LYS B 52 43.69 1.56 -8.82
C LYS B 52 43.05 2.28 -7.62
N PHE B 53 41.93 1.74 -7.16
CA PHE B 53 41.21 2.27 -5.99
C PHE B 53 42.01 2.18 -4.69
N LYS B 54 42.92 1.22 -4.60
CA LYS B 54 43.74 1.06 -3.39
C LYS B 54 44.81 2.13 -3.29
N SER B 55 45.29 2.60 -4.44
CA SER B 55 46.47 3.47 -4.49
C SER B 55 46.19 4.90 -4.00
N SER B 56 45.05 5.44 -4.41
CA SER B 56 44.65 6.78 -4.01
C SER B 56 43.23 6.76 -3.45
N SER B 57 42.74 7.94 -3.04
CA SER B 57 41.40 8.05 -2.48
C SER B 57 40.55 8.90 -3.41
N LEU B 58 39.50 8.31 -3.97
CA LEU B 58 38.69 9.00 -4.96
C LEU B 58 37.73 9.99 -4.31
N GLU B 59 37.68 11.20 -4.86
CA GLU B 59 36.69 12.18 -4.42
C GLU B 59 35.36 11.84 -5.06
N VAL B 60 34.38 11.48 -4.24
CA VAL B 60 33.04 11.18 -4.74
C VAL B 60 32.15 12.40 -4.57
N PRO B 61 31.62 12.91 -5.69
CA PRO B 61 30.83 14.14 -5.67
C PRO B 61 29.35 13.85 -5.50
N LEU B 62 28.57 14.91 -5.31
CA LEU B 62 27.14 14.79 -5.49
C LEU B 62 26.92 14.73 -6.99
N VAL B 63 25.80 14.14 -7.41
CA VAL B 63 25.40 14.24 -8.80
C VAL B 63 23.97 14.74 -8.85
N ILE B 64 23.82 16.01 -9.19
CA ILE B 64 22.52 16.66 -9.22
C ILE B 64 22.31 17.26 -10.60
N ASN B 65 21.17 16.94 -11.21
CA ASN B 65 20.85 17.41 -12.55
C ASN B 65 21.97 17.13 -13.55
N GLY B 66 22.57 15.95 -13.44
CA GLY B 66 23.62 15.52 -14.34
C GLY B 66 24.99 16.12 -14.09
N GLU B 67 25.07 17.05 -13.15
CA GLU B 67 26.33 17.72 -12.85
C GLU B 67 27.02 17.14 -11.62
N ARG B 68 28.34 16.94 -11.71
CA ARG B 68 29.10 16.44 -10.59
C ARG B 68 29.43 17.61 -9.67
N ILE B 69 28.99 17.54 -8.41
CA ILE B 69 29.29 18.59 -7.44
C ILE B 69 30.21 18.09 -6.33
N TYR B 70 31.42 18.63 -6.31
CA TYR B 70 32.43 18.27 -5.31
C TYR B 70 32.34 19.18 -4.08
N ASP B 71 33.11 18.85 -3.05
CA ASP B 71 33.04 19.59 -1.79
C ASP B 71 33.40 21.05 -2.00
N ASN B 72 34.31 21.29 -2.94
CA ASN B 72 34.75 22.64 -3.33
C ASN B 72 34.88 23.62 -2.16
N ASN B 73 35.61 23.19 -1.13
CA ASN B 73 35.95 24.04 0.01
C ASN B 73 34.74 24.56 0.79
N GLU B 74 33.61 23.87 0.69
CA GLU B 74 32.42 24.26 1.42
C GLU B 74 31.84 23.07 2.15
N ARG B 75 31.65 21.98 1.42
CA ARG B 75 30.95 20.81 1.96
C ARG B 75 31.82 19.90 2.83
N ALA B 76 31.17 19.20 3.76
CA ALA B 76 31.85 18.21 4.58
C ALA B 76 32.24 17.03 3.70
N LEU B 77 33.31 16.34 4.08
CA LEU B 77 33.72 15.13 3.37
C LEU B 77 33.66 13.95 4.33
N PHE B 78 32.89 12.94 3.98
CA PHE B 78 32.89 11.69 4.74
C PHE B 78 33.97 10.79 4.16
N PRO B 79 34.84 10.26 5.02
CA PRO B 79 35.87 9.32 4.55
C PRO B 79 35.37 7.87 4.59
N GLN B 80 35.18 7.31 3.41
CA GLN B 80 34.77 5.91 3.33
C GLN B 80 36.04 5.07 3.34
N THR B 81 36.19 4.22 4.35
CA THR B 81 37.39 3.42 4.45
C THR B 81 37.13 1.95 4.16
N ASN B 82 38.19 1.20 3.89
CA ASN B 82 38.09 -0.22 3.65
C ASN B 82 37.82 -0.90 4.99
N PRO B 83 36.67 -1.57 5.13
CA PRO B 83 36.34 -2.26 6.38
C PRO B 83 37.32 -3.39 6.72
N ALA B 84 38.07 -3.87 5.73
CA ALA B 84 39.09 -4.88 5.96
C ALA B 84 40.43 -4.25 6.35
N ASN B 85 40.48 -2.91 6.31
CA ASN B 85 41.72 -2.18 6.49
C ASN B 85 41.39 -0.69 6.62
N HIS B 86 40.93 -0.29 7.80
CA HIS B 86 40.26 1.00 7.94
C HIS B 86 41.18 2.21 7.93
N GLN B 87 42.49 1.98 7.93
CA GLN B 87 43.43 3.08 7.79
C GLN B 87 43.40 3.55 6.35
N GLN B 88 42.96 2.66 5.47
CA GLN B 88 42.91 2.92 4.04
C GLN B 88 41.62 3.60 3.60
N VAL B 89 41.75 4.83 3.10
CA VAL B 89 40.63 5.61 2.60
C VAL B 89 40.41 5.35 1.11
N LEU B 90 39.27 4.74 0.78
CA LEU B 90 38.91 4.47 -0.60
C LEU B 90 38.30 5.69 -1.28
N ALA B 91 37.60 6.49 -0.49
CA ALA B 91 36.92 7.65 -1.03
C ALA B 91 36.68 8.75 -0.01
N ASN B 92 36.80 9.99 -0.47
CA ASN B 92 36.33 11.12 0.30
C ASN B 92 35.03 11.58 -0.31
N VAL B 93 33.95 11.31 0.40
CA VAL B 93 32.61 11.49 -0.14
C VAL B 93 32.09 12.88 0.18
N THR B 94 31.71 13.60 -0.85
CA THR B 94 31.12 14.92 -0.70
C THR B 94 29.78 14.80 0.00
N GLN B 95 29.55 15.67 0.99
CA GLN B 95 28.32 15.61 1.77
C GLN B 95 27.34 16.71 1.34
N ALA B 96 26.08 16.32 1.17
CA ALA B 96 25.03 17.22 0.68
C ALA B 96 24.55 18.25 1.72
N THR B 97 24.62 19.53 1.36
CA THR B 97 24.07 20.58 2.20
C THR B 97 22.55 20.63 2.00
N GLU B 98 21.86 21.41 2.82
CA GLU B 98 20.43 21.61 2.69
C GLU B 98 20.10 22.17 1.32
N LYS B 99 20.88 23.16 0.92
CA LYS B 99 20.73 23.79 -0.38
C LYS B 99 20.79 22.73 -1.45
N ASP B 100 21.90 21.98 -1.47
CA ASP B 100 22.09 20.85 -2.39
C ASP B 100 20.85 19.97 -2.48
N VAL B 101 20.25 19.69 -1.33
CA VAL B 101 19.09 18.82 -1.28
C VAL B 101 17.86 19.48 -1.91
N MET B 102 17.68 20.77 -1.64
CA MET B 102 16.60 21.52 -2.27
C MET B 102 16.78 21.54 -3.78
N ASN B 103 18.03 21.69 -4.21
CA ASN B 103 18.36 21.64 -5.63
C ASN B 103 18.09 20.27 -6.25
N ALA B 104 18.40 19.20 -5.53
CA ALA B 104 18.16 17.85 -6.06
C ALA B 104 16.68 17.61 -6.26
N VAL B 105 15.87 18.01 -5.28
CA VAL B 105 14.43 17.87 -5.36
C VAL B 105 13.89 18.61 -6.60
N LYS B 106 14.34 19.85 -6.78
CA LYS B 106 13.92 20.64 -7.93
C LYS B 106 14.33 19.99 -9.25
N ALA B 107 15.57 19.51 -9.32
CA ALA B 107 16.07 18.82 -10.49
C ALA B 107 15.14 17.68 -10.88
N ALA B 108 14.74 16.89 -9.89
CA ALA B 108 13.87 15.75 -10.12
C ALA B 108 12.48 16.20 -10.58
N LYS B 109 12.01 17.32 -10.03
CA LYS B 109 10.72 17.89 -10.40
C LYS B 109 10.74 18.37 -11.85
N ASP B 110 11.80 19.09 -12.21
CA ASP B 110 11.96 19.63 -13.56
C ASP B 110 12.19 18.56 -14.63
N ALA B 111 12.74 17.41 -14.23
CA ALA B 111 13.06 16.37 -15.21
C ALA B 111 11.85 15.48 -15.46
N LYS B 112 10.84 15.66 -14.64
CA LYS B 112 9.71 14.73 -14.55
C LYS B 112 8.90 14.55 -15.84
N LYS B 113 8.42 15.63 -16.43
CA LYS B 113 7.58 15.52 -17.64
C LYS B 113 8.32 14.86 -18.80
N ASP B 114 9.52 15.37 -19.09
CA ASP B 114 10.34 14.79 -20.15
C ASP B 114 10.72 13.34 -19.88
N TRP B 115 10.78 12.95 -18.61
CA TRP B 115 11.12 11.56 -18.28
C TRP B 115 9.92 10.64 -18.49
N TYR B 116 8.74 11.01 -17.99
CA TYR B 116 7.62 10.11 -18.20
C TYR B 116 7.05 10.15 -19.62
N ASN B 117 7.43 11.17 -20.39
CA ASN B 117 7.08 11.23 -21.80
C ASN B 117 8.11 10.53 -22.69
N LEU B 118 9.27 10.24 -22.13
CA LEU B 118 10.23 9.41 -22.86
C LEU B 118 9.64 8.01 -22.92
N PRO B 119 9.48 7.45 -24.13
CA PRO B 119 8.82 6.16 -24.28
C PRO B 119 9.49 5.08 -23.44
N PHE B 120 8.68 4.15 -22.94
CA PHE B 120 9.17 3.06 -22.13
C PHE B 120 10.35 2.33 -22.78
N TYR B 121 10.32 2.21 -24.10
CA TYR B 121 11.38 1.52 -24.83
C TYR B 121 12.70 2.18 -24.52
N ASP B 122 12.68 3.51 -24.45
CA ASP B 122 13.90 4.26 -24.27
C ASP B 122 14.33 4.30 -22.81
N ARG B 123 13.37 4.49 -21.90
CA ARG B 123 13.67 4.40 -20.48
C ARG B 123 14.32 3.05 -20.17
N SER B 124 13.79 1.97 -20.74
CA SER B 124 14.33 0.63 -20.54
C SER B 124 15.75 0.51 -21.07
N ALA B 125 15.99 1.09 -22.25
CA ALA B 125 17.29 0.96 -22.90
C ALA B 125 18.41 1.46 -22.01
N ILE B 126 18.15 2.54 -21.29
CA ILE B 126 19.11 3.10 -20.34
C ILE B 126 19.50 2.08 -19.26
N PHE B 127 18.51 1.37 -18.74
CA PHE B 127 18.75 0.44 -17.65
C PHE B 127 19.37 -0.86 -18.10
N LEU B 128 18.94 -1.34 -19.26
CA LEU B 128 19.55 -2.54 -19.85
C LEU B 128 21.00 -2.22 -20.26
N LYS B 129 21.21 -1.03 -20.81
CA LYS B 129 22.55 -0.64 -21.22
C LYS B 129 23.45 -0.56 -19.99
N ALA B 130 22.90 -0.05 -18.89
CA ALA B 130 23.65 0.07 -17.65
C ALA B 130 24.06 -1.30 -17.14
N ALA B 131 23.09 -2.21 -17.07
CA ALA B 131 23.35 -3.57 -16.61
C ALA B 131 24.45 -4.22 -17.44
N ASP B 132 24.40 -4.06 -18.75
CA ASP B 132 25.38 -4.72 -19.60
C ASP B 132 26.74 -4.04 -19.58
N LEU B 133 26.79 -2.73 -19.32
CA LEU B 133 28.08 -2.07 -19.13
C LEU B 133 28.73 -2.53 -17.83
N ILE B 134 27.91 -2.72 -16.81
CA ILE B 134 28.41 -3.16 -15.54
C ILE B 134 28.91 -4.60 -15.66
N SER B 135 28.24 -5.41 -16.48
CA SER B 135 28.64 -6.81 -16.65
C SER B 135 29.88 -6.95 -17.52
N THR B 136 30.18 -5.92 -18.31
CA THR B 136 31.30 -6.00 -19.23
C THR B 136 32.33 -4.90 -18.98
N LYS B 137 32.16 -3.77 -19.66
CA LYS B 137 33.12 -2.66 -19.66
C LYS B 137 33.62 -2.34 -18.26
N TYR B 138 32.71 -2.32 -17.29
CA TYR B 138 33.05 -1.85 -15.96
C TYR B 138 32.98 -2.95 -14.90
N ARG B 139 33.01 -4.20 -15.36
CA ARG B 139 32.91 -5.35 -14.47
C ARG B 139 33.93 -5.28 -13.32
N TYR B 140 35.19 -5.05 -13.66
CA TYR B 140 36.27 -5.06 -12.67
C TYR B 140 36.28 -3.84 -11.75
N ASP B 141 36.01 -2.65 -12.29
CA ASP B 141 35.87 -1.48 -11.45
C ASP B 141 34.75 -1.67 -10.43
N MET B 142 33.61 -2.17 -10.90
CA MET B 142 32.45 -2.34 -10.01
C MET B 142 32.74 -3.43 -8.97
N LEU B 143 33.39 -4.51 -9.40
CA LEU B 143 33.78 -5.55 -8.48
C LEU B 143 34.69 -4.98 -7.41
N ALA B 144 35.74 -4.29 -7.82
CA ALA B 144 36.74 -3.75 -6.89
C ALA B 144 36.10 -2.79 -5.89
N ALA B 145 35.24 -1.91 -6.39
CA ALA B 145 34.54 -0.94 -5.54
C ALA B 145 33.66 -1.60 -4.49
N THR B 146 32.95 -2.66 -4.88
CA THR B 146 32.06 -3.33 -3.93
C THR B 146 32.87 -4.12 -2.91
N MET B 147 33.86 -4.85 -3.40
CA MET B 147 34.78 -5.60 -2.56
C MET B 147 35.45 -4.69 -1.55
N LEU B 148 36.09 -3.63 -2.03
CA LEU B 148 36.88 -2.77 -1.17
C LEU B 148 35.99 -1.99 -0.20
N GLY B 149 34.93 -1.40 -0.73
CA GLY B 149 34.07 -0.53 0.03
C GLY B 149 33.12 -1.22 1.00
N GLN B 150 32.60 -2.37 0.61
CA GLN B 150 31.61 -3.02 1.46
C GLN B 150 32.12 -4.29 2.12
N GLY B 151 33.39 -4.62 1.89
CA GLY B 151 34.04 -5.71 2.58
C GLY B 151 33.60 -7.08 2.09
N LYS B 152 33.51 -7.21 0.78
CA LYS B 152 33.12 -8.47 0.17
C LYS B 152 34.30 -9.11 -0.52
N ASN B 153 34.37 -10.45 -0.51
CA ASN B 153 35.30 -11.15 -1.38
C ASN B 153 34.77 -11.10 -2.82
N VAL B 154 35.51 -11.68 -3.75
CA VAL B 154 35.17 -11.55 -5.17
C VAL B 154 33.85 -12.24 -5.52
N TYR B 155 33.56 -13.36 -4.88
CA TYR B 155 32.34 -14.10 -5.20
C TYR B 155 31.11 -13.40 -4.65
N GLN B 156 31.22 -12.90 -3.42
CA GLN B 156 30.13 -12.12 -2.85
C GLN B 156 29.85 -10.89 -3.69
N ALA B 157 30.92 -10.22 -4.14
CA ALA B 157 30.77 -9.02 -4.96
C ALA B 157 30.12 -9.31 -6.31
N GLU B 158 30.57 -10.37 -6.97
CA GLU B 158 30.07 -10.72 -8.28
C GLU B 158 28.58 -11.03 -8.25
N ILE B 159 28.18 -11.79 -7.26
CA ILE B 159 26.80 -12.18 -7.09
C ILE B 159 25.93 -10.92 -6.87
N ASP B 160 26.50 -9.94 -6.18
CA ASP B 160 25.78 -8.73 -5.82
C ASP B 160 25.79 -7.74 -6.98
N CYS B 161 26.93 -7.10 -7.16
CA CYS B 161 27.00 -5.91 -8.01
C CYS B 161 27.04 -6.23 -9.51
N ILE B 162 27.16 -7.51 -9.86
CA ILE B 162 27.06 -7.89 -11.27
C ILE B 162 25.76 -8.65 -11.52
N THR B 163 25.70 -9.90 -11.06
CA THR B 163 24.56 -10.78 -11.32
C THR B 163 23.19 -10.26 -10.84
N GLU B 164 23.04 -10.02 -9.53
CA GLU B 164 21.76 -9.54 -9.01
C GLU B 164 21.38 -8.16 -9.56
N LEU B 165 22.35 -7.25 -9.61
CA LEU B 165 22.12 -5.91 -10.14
C LEU B 165 21.57 -6.01 -11.55
N SER B 166 22.27 -6.70 -12.43
CA SER B 166 21.82 -6.84 -13.80
C SER B 166 20.46 -7.55 -13.86
N ASP B 167 20.23 -8.47 -12.93
CA ASP B 167 18.96 -9.18 -12.88
C ASP B 167 17.80 -8.26 -12.51
N PHE B 168 18.00 -7.35 -11.56
CA PHE B 168 16.97 -6.40 -11.20
C PHE B 168 16.54 -5.60 -12.43
N PHE B 169 17.50 -5.04 -13.15
CA PHE B 169 17.19 -4.24 -14.33
C PHE B 169 16.49 -5.04 -15.44
N ARG B 170 17.09 -6.16 -15.83
CA ARG B 170 16.50 -6.98 -16.89
C ARG B 170 15.11 -7.49 -16.53
N TYR B 171 14.92 -7.95 -15.29
CA TYR B 171 13.61 -8.43 -14.89
C TYR B 171 12.56 -7.33 -14.78
N TYR B 172 12.94 -6.18 -14.26
CA TYR B 172 12.00 -5.08 -14.20
C TYR B 172 11.56 -4.64 -15.58
N VAL B 173 12.48 -4.67 -16.54
CA VAL B 173 12.14 -4.26 -17.88
C VAL B 173 11.11 -5.22 -18.48
N LYS B 174 11.32 -6.52 -18.31
CA LYS B 174 10.33 -7.50 -18.72
C LYS B 174 8.99 -7.30 -18.02
N TYR B 175 9.00 -7.17 -16.69
CA TYR B 175 7.74 -7.05 -15.94
C TYR B 175 6.99 -5.80 -16.33
N ALA B 176 7.71 -4.70 -16.48
CA ALA B 176 7.08 -3.43 -16.81
C ALA B 176 6.51 -3.51 -18.22
N SER B 177 7.25 -4.18 -19.10
CA SER B 177 6.83 -4.35 -20.48
C SER B 177 5.45 -5.00 -20.55
N ASP B 178 5.25 -6.03 -19.72
CA ASP B 178 3.94 -6.68 -19.66
C ASP B 178 2.90 -5.72 -19.14
N LEU B 179 3.25 -5.01 -18.07
CA LEU B 179 2.34 -4.04 -17.46
C LEU B 179 1.80 -3.05 -18.49
N TYR B 180 2.71 -2.52 -19.32
CA TYR B 180 2.36 -1.51 -20.31
C TYR B 180 1.72 -2.08 -21.57
N ALA B 181 1.45 -3.38 -21.58
CA ALA B 181 0.96 -4.05 -22.77
C ALA B 181 -0.56 -4.06 -22.87
N GLN B 182 -1.19 -3.03 -22.29
CA GLN B 182 -2.63 -2.88 -22.33
C GLN B 182 -3.08 -2.41 -23.71
N GLN B 183 -4.13 -3.01 -24.22
CA GLN B 183 -4.73 -2.56 -25.46
C GLN B 183 -6.13 -2.05 -25.17
N PRO B 184 -6.53 -0.98 -25.87
CA PRO B 184 -7.88 -0.47 -25.69
C PRO B 184 -8.92 -1.50 -26.10
N VAL B 185 -10.09 -1.48 -25.47
CA VAL B 185 -11.14 -2.43 -25.81
C VAL B 185 -12.49 -1.77 -25.90
N GLU B 186 -13.29 -2.25 -26.84
CA GLU B 186 -14.68 -1.88 -26.88
C GLU B 186 -15.43 -2.81 -25.93
N SER B 187 -16.17 -2.24 -24.99
CA SER B 187 -16.89 -3.04 -24.00
C SER B 187 -18.25 -3.52 -24.53
N ALA B 188 -18.91 -4.33 -23.70
CA ALA B 188 -20.24 -4.84 -24.05
C ALA B 188 -21.19 -3.69 -24.34
N ASP B 189 -21.18 -2.68 -23.46
CA ASP B 189 -22.02 -1.48 -23.60
C ASP B 189 -21.71 -0.57 -24.80
N GLY B 190 -20.64 -0.85 -25.54
CA GLY B 190 -20.30 -0.02 -26.68
C GLY B 190 -19.34 1.12 -26.37
N THR B 191 -18.93 1.23 -25.10
CA THR B 191 -17.91 2.20 -24.71
C THR B 191 -16.50 1.74 -25.06
N TRP B 192 -15.62 2.71 -25.25
CA TRP B 192 -14.28 2.49 -25.78
C TRP B 192 -13.30 2.89 -24.68
N ASN B 193 -12.55 1.91 -24.21
CA ASN B 193 -11.77 2.01 -22.97
C ASN B 193 -10.29 1.82 -23.15
N LYS B 194 -9.50 2.65 -22.47
CA LYS B 194 -8.08 2.37 -22.36
C LYS B 194 -7.65 2.60 -20.92
N ALA B 195 -6.64 1.87 -20.49
CA ALA B 195 -6.11 2.04 -19.16
C ALA B 195 -4.67 2.44 -19.35
N GLU B 196 -4.22 3.43 -18.59
CA GLU B 196 -2.81 3.78 -18.60
C GLU B 196 -2.26 3.86 -17.20
N TYR B 197 -1.01 3.44 -17.05
CA TYR B 197 -0.28 3.52 -15.80
C TYR B 197 0.58 4.77 -15.74
N ARG B 198 0.16 5.76 -14.98
CA ARG B 198 0.96 6.96 -14.79
C ARG B 198 1.91 6.72 -13.62
N PRO B 199 3.05 7.43 -13.59
CA PRO B 199 3.89 7.33 -12.38
C PRO B 199 3.22 8.08 -11.25
N LEU B 200 3.81 8.03 -10.06
CA LEU B 200 3.34 8.85 -8.97
C LEU B 200 3.53 10.29 -9.36
N GLU B 201 2.68 11.17 -8.87
CA GLU B 201 2.77 12.57 -9.27
C GLU B 201 3.91 13.27 -8.54
N GLY B 202 4.17 12.86 -7.30
CA GLY B 202 5.26 13.41 -6.54
C GLY B 202 6.55 12.63 -6.75
N PHE B 203 7.66 13.15 -6.21
CA PHE B 203 8.96 12.50 -6.42
C PHE B 203 9.22 11.37 -5.40
N VAL B 204 10.07 10.44 -5.80
CA VAL B 204 10.47 9.32 -4.97
C VAL B 204 11.81 9.59 -4.28
N TYR B 205 11.86 9.30 -2.98
CA TYR B 205 13.09 9.43 -2.20
C TYR B 205 13.60 8.03 -1.97
N ALA B 206 14.77 7.72 -2.52
CA ALA B 206 15.35 6.39 -2.35
C ALA B 206 16.45 6.38 -1.28
N VAL B 207 16.28 5.56 -0.26
CA VAL B 207 17.24 5.45 0.82
C VAL B 207 17.79 4.03 0.86
N SER B 208 19.05 3.88 0.44
CA SER B 208 19.63 2.57 0.15
C SER B 208 20.65 2.13 1.21
N PRO B 209 20.73 0.82 1.48
CA PRO B 209 21.61 0.30 2.53
C PRO B 209 23.03 0.03 2.00
N PHE B 210 23.97 -0.27 2.88
CA PHE B 210 25.35 -0.53 2.48
C PHE B 210 25.52 -1.92 1.88
N ASN B 211 24.70 -2.87 2.29
CA ASN B 211 25.06 -4.28 2.12
C ASN B 211 25.04 -4.86 0.71
N PHE B 212 24.19 -4.34 -0.15
CA PHE B 212 24.17 -4.80 -1.54
C PHE B 212 24.12 -3.64 -2.49
N THR B 213 25.12 -3.53 -3.35
CA THR B 213 25.08 -2.59 -4.44
C THR B 213 23.81 -2.80 -5.27
N ALA B 214 23.38 -4.05 -5.43
CA ALA B 214 22.21 -4.37 -6.27
C ALA B 214 20.91 -3.82 -5.69
N ILE B 215 20.85 -3.66 -4.37
CA ILE B 215 19.64 -3.16 -3.74
C ILE B 215 19.50 -1.66 -4.01
N ALA B 216 20.64 -0.96 -4.01
CA ALA B 216 20.67 0.42 -4.45
C ALA B 216 20.10 0.57 -5.87
N ALA B 217 20.54 -0.32 -6.78
CA ALA B 217 20.03 -0.31 -8.14
C ALA B 217 18.53 -0.59 -8.16
N ASN B 218 18.11 -1.52 -7.32
CA ASN B 218 16.69 -1.82 -7.21
C ASN B 218 15.90 -0.63 -6.72
N LEU B 219 16.40 0.05 -5.69
CA LEU B 219 15.65 1.13 -5.07
C LEU B 219 15.46 2.31 -6.00
N ILE B 220 16.47 2.61 -6.82
CA ILE B 220 16.35 3.74 -7.75
C ILE B 220 15.71 3.33 -9.10
N GLY B 221 16.00 2.11 -9.56
CA GLY B 221 15.61 1.71 -10.90
C GLY B 221 14.16 1.31 -11.06
N ALA B 222 13.58 0.65 -10.05
CA ALA B 222 12.18 0.30 -10.10
C ALA B 222 11.29 1.53 -10.29
N PRO B 223 11.37 2.53 -9.37
CA PRO B 223 10.53 3.71 -9.61
C PRO B 223 10.90 4.47 -10.89
N ALA B 224 12.19 4.60 -11.19
CA ALA B 224 12.59 5.38 -12.36
C ALA B 224 12.09 4.77 -13.66
N LEU B 225 12.08 3.44 -13.73
CA LEU B 225 11.66 2.76 -14.94
C LEU B 225 10.19 3.08 -15.22
N MET B 226 9.41 3.27 -14.16
CA MET B 226 7.99 3.50 -14.33
C MET B 226 7.66 4.97 -14.56
N GLY B 227 8.70 5.79 -14.78
CA GLY B 227 8.49 7.18 -15.13
C GLY B 227 8.57 8.13 -13.95
N ASN B 228 9.05 7.64 -12.82
CA ASN B 228 9.25 8.49 -11.65
C ASN B 228 10.63 9.08 -11.71
N THR B 229 10.81 10.19 -11.01
CA THR B 229 12.13 10.76 -10.83
C THR B 229 12.49 10.65 -9.34
N VAL B 230 13.79 10.69 -9.04
CA VAL B 230 14.27 10.18 -7.77
C VAL B 230 15.35 11.06 -7.16
N VAL B 231 15.22 11.32 -5.85
CA VAL B 231 16.34 11.82 -5.07
C VAL B 231 16.85 10.66 -4.23
N TRP B 232 18.16 10.42 -4.31
CA TRP B 232 18.72 9.18 -3.81
C TRP B 232 19.87 9.47 -2.86
N LYS B 233 19.73 9.06 -1.60
CA LYS B 233 20.81 9.15 -0.63
C LYS B 233 21.39 7.78 -0.33
N PRO B 234 22.54 7.47 -0.92
CA PRO B 234 23.15 6.15 -0.69
C PRO B 234 23.68 6.03 0.73
N SER B 235 23.94 4.80 1.16
CA SER B 235 24.63 4.57 2.42
C SER B 235 26.01 5.19 2.37
N GLN B 236 26.46 5.77 3.47
CA GLN B 236 27.79 6.36 3.52
C GLN B 236 28.87 5.32 3.20
N THR B 237 28.65 4.10 3.66
CA THR B 237 29.65 3.05 3.50
C THR B 237 29.46 2.18 2.25
N ALA B 238 28.65 2.66 1.30
CA ALA B 238 28.57 2.03 -0.01
C ALA B 238 28.77 3.07 -1.10
N ALA B 239 29.27 4.25 -0.70
CA ALA B 239 29.34 5.40 -1.60
C ALA B 239 30.17 5.16 -2.86
N LEU B 240 31.30 4.46 -2.72
CA LEU B 240 32.17 4.20 -3.86
C LEU B 240 31.45 3.43 -4.95
N SER B 241 30.86 2.29 -4.59
CA SER B 241 30.18 1.45 -5.56
C SER B 241 28.89 2.13 -6.03
N ASN B 242 28.25 2.87 -5.14
CA ASN B 242 26.99 3.52 -5.48
C ASN B 242 27.22 4.68 -6.45
N TYR B 243 28.32 5.38 -6.28
CA TYR B 243 28.68 6.45 -7.21
C TYR B 243 28.96 5.87 -8.60
N LEU B 244 29.64 4.73 -8.60
CA LEU B 244 29.98 4.05 -9.83
C LEU B 244 28.73 3.67 -10.59
N LEU B 245 27.76 3.10 -9.87
CA LEU B 245 26.45 2.82 -10.46
C LEU B 245 25.84 4.09 -11.10
N MET B 246 25.90 5.20 -10.37
CA MET B 246 25.39 6.47 -10.86
C MET B 246 26.08 6.92 -12.15
N THR B 247 27.42 6.86 -12.19
CA THR B 247 28.12 7.32 -13.39
C THR B 247 27.82 6.39 -14.57
N VAL B 248 27.60 5.12 -14.29
CA VAL B 248 27.27 4.17 -15.34
C VAL B 248 25.89 4.48 -15.95
N LEU B 249 24.90 4.71 -15.09
CA LEU B 249 23.58 5.16 -15.53
C LEU B 249 23.66 6.42 -16.42
N GLU B 250 24.53 7.35 -16.04
CA GLU B 250 24.73 8.56 -16.85
C GLU B 250 25.31 8.23 -18.22
N GLU B 251 26.33 7.39 -18.24
CA GLU B 251 26.95 6.98 -19.50
C GLU B 251 25.94 6.24 -20.38
N ALA B 252 25.06 5.47 -19.74
CA ALA B 252 24.03 4.72 -20.46
C ALA B 252 22.92 5.63 -20.96
N GLY B 253 23.03 6.92 -20.66
CA GLY B 253 22.10 7.90 -21.21
C GLY B 253 21.00 8.40 -20.29
N LEU B 254 21.12 8.19 -18.98
CA LEU B 254 20.12 8.71 -18.04
C LEU B 254 20.04 10.23 -18.15
N PRO B 255 18.84 10.77 -18.42
CA PRO B 255 18.72 12.23 -18.57
C PRO B 255 18.99 12.96 -17.24
N LYS B 256 19.43 14.22 -17.33
CA LYS B 256 19.72 15.02 -16.16
C LYS B 256 18.52 15.09 -15.22
N GLY B 257 18.77 14.92 -13.93
CA GLY B 257 17.75 15.12 -12.91
C GLY B 257 16.80 13.97 -12.67
N VAL B 258 16.84 12.94 -13.51
CA VAL B 258 15.91 11.82 -13.36
C VAL B 258 16.24 11.05 -12.07
N ILE B 259 17.52 10.93 -11.77
CA ILE B 259 17.94 10.38 -10.50
C ILE B 259 19.02 11.32 -10.01
N ASN B 260 18.96 11.67 -8.73
CA ASN B 260 19.93 12.58 -8.16
C ASN B 260 20.62 11.93 -6.96
N PHE B 261 21.95 11.90 -7.02
CA PHE B 261 22.78 11.14 -6.10
C PHE B 261 23.25 12.11 -5.03
N ILE B 262 22.69 11.99 -3.83
CA ILE B 262 23.01 12.96 -2.77
C ILE B 262 23.47 12.35 -1.45
N PRO B 263 24.68 11.78 -1.43
CA PRO B 263 25.23 11.32 -0.15
C PRO B 263 25.31 12.49 0.83
N GLY B 264 25.17 12.21 2.12
CA GLY B 264 25.26 13.24 3.13
C GLY B 264 24.83 12.70 4.48
N ASP B 265 24.82 13.55 5.50
CA ASP B 265 24.30 13.12 6.79
C ASP B 265 22.87 12.61 6.65
N PRO B 266 22.60 11.38 7.11
CA PRO B 266 21.29 10.73 6.93
C PRO B 266 20.13 11.55 7.48
N VAL B 267 20.29 12.08 8.70
CA VAL B 267 19.18 12.77 9.34
C VAL B 267 18.94 14.11 8.66
N GLN B 268 20.01 14.87 8.46
CA GLN B 268 19.94 16.17 7.82
C GLN B 268 19.33 16.11 6.41
N VAL B 269 19.85 15.21 5.57
CA VAL B 269 19.36 15.06 4.20
C VAL B 269 17.89 14.66 4.20
N THR B 270 17.56 13.72 5.08
CA THR B 270 16.19 13.22 5.20
C THR B 270 15.17 14.30 5.60
N ASP B 271 15.51 15.11 6.60
CA ASP B 271 14.57 16.09 7.10
C ASP B 271 14.25 17.11 6.03
N GLN B 272 15.25 17.45 5.21
CA GLN B 272 15.08 18.41 4.13
C GLN B 272 14.25 17.83 2.98
N VAL B 273 14.54 16.60 2.57
CA VAL B 273 13.74 15.95 1.53
C VAL B 273 12.27 15.89 1.93
N LEU B 274 12.03 15.49 3.18
CA LEU B 274 10.68 15.32 3.69
C LEU B 274 9.91 16.63 3.93
N ALA B 275 10.59 17.76 3.79
CA ALA B 275 9.94 19.05 4.01
C ALA B 275 9.24 19.56 2.77
N ASP B 276 9.49 18.93 1.63
CA ASP B 276 8.96 19.40 0.35
C ASP B 276 7.55 18.84 0.09
N LYS B 277 6.63 19.72 -0.31
CA LYS B 277 5.24 19.33 -0.55
C LYS B 277 5.07 18.28 -1.65
N ASP B 278 6.09 18.13 -2.50
CA ASP B 278 5.98 17.20 -3.62
C ASP B 278 6.51 15.80 -3.31
N PHE B 279 6.89 15.56 -2.06
CA PHE B 279 7.32 14.22 -1.65
C PHE B 279 6.21 13.18 -1.93
N GLY B 280 6.55 12.17 -2.71
CA GLY B 280 5.54 11.24 -3.20
C GLY B 280 5.67 9.81 -2.69
N ALA B 281 6.91 9.38 -2.44
CA ALA B 281 7.15 8.03 -1.96
C ALA B 281 8.53 7.85 -1.34
N LEU B 282 8.57 7.00 -0.31
CA LEU B 282 9.81 6.54 0.25
C LEU B 282 10.10 5.16 -0.28
N HIS B 283 11.29 4.97 -0.83
CA HIS B 283 11.72 3.63 -1.20
C HIS B 283 12.94 3.29 -0.36
N PHE B 284 12.72 2.42 0.62
CA PHE B 284 13.68 2.18 1.69
C PHE B 284 14.05 0.71 1.84
N THR B 285 15.32 0.45 2.09
CA THR B 285 15.75 -0.84 2.57
C THR B 285 16.87 -0.63 3.60
N GLY B 286 16.67 -1.18 4.79
CA GLY B 286 17.59 -0.99 5.89
C GLY B 286 16.95 -1.46 7.18
N SER B 287 17.48 -0.98 8.30
CA SER B 287 17.01 -1.42 9.61
C SER B 287 15.60 -0.98 9.95
N THR B 288 14.96 -1.80 10.77
CA THR B 288 13.62 -1.55 11.29
C THR B 288 13.56 -0.21 12.01
N ASN B 289 14.53 0.04 12.88
CA ASN B 289 14.56 1.26 13.66
C ASN B 289 14.61 2.51 12.78
N VAL B 290 15.45 2.48 11.75
CA VAL B 290 15.55 3.62 10.85
C VAL B 290 14.24 3.79 10.06
N PHE B 291 13.65 2.68 9.62
CA PHE B 291 12.38 2.75 8.93
C PHE B 291 11.33 3.40 9.80
N LYS B 292 11.26 2.98 11.06
CA LYS B 292 10.26 3.50 11.97
C LYS B 292 10.40 5.02 12.11
N SER B 293 11.64 5.48 12.23
CA SER B 293 11.90 6.93 12.28
C SER B 293 11.40 7.63 11.02
N LEU B 294 11.78 7.09 9.85
CA LEU B 294 11.38 7.67 8.57
C LEU B 294 9.86 7.72 8.53
N TYR B 295 9.26 6.56 8.80
CA TYR B 295 7.82 6.41 8.89
C TYR B 295 7.18 7.45 9.78
N GLY B 296 7.69 7.59 11.00
CA GLY B 296 7.16 8.58 11.91
C GLY B 296 7.26 9.97 11.35
N LYS B 297 8.44 10.33 10.86
CA LYS B 297 8.65 11.63 10.26
C LYS B 297 7.69 11.88 9.10
N ILE B 298 7.45 10.86 8.28
CA ILE B 298 6.57 11.03 7.13
C ILE B 298 5.13 11.25 7.58
N GLN B 299 4.67 10.43 8.51
CA GLN B 299 3.29 10.51 8.99
C GLN B 299 3.00 11.82 9.71
N SER B 300 4.02 12.34 10.39
CA SER B 300 3.92 13.67 10.99
C SER B 300 3.47 14.61 9.90
N GLY B 301 4.27 14.67 8.84
CA GLY B 301 4.00 15.55 7.73
C GLY B 301 2.61 15.35 7.17
N VAL B 302 2.23 14.09 6.95
CA VAL B 302 0.91 13.76 6.42
C VAL B 302 -0.22 14.40 7.23
N VAL B 303 -0.24 14.13 8.53
CA VAL B 303 -1.28 14.68 9.40
C VAL B 303 -1.22 16.20 9.48
N GLU B 304 0.00 16.75 9.57
CA GLU B 304 0.19 18.21 9.52
C GLU B 304 -0.13 18.76 8.13
N GLY B 305 -0.38 17.87 7.17
CA GLY B 305 -0.80 18.26 5.83
C GLY B 305 0.28 18.92 4.98
N LYS B 306 1.52 18.51 5.18
CA LYS B 306 2.66 19.08 4.47
C LYS B 306 2.60 18.72 2.99
N TYR B 307 1.91 17.63 2.67
CA TYR B 307 2.03 17.01 1.35
C TYR B 307 0.81 17.18 0.46
N ARG B 308 1.06 17.21 -0.85
CA ARG B 308 0.02 17.32 -1.86
C ARG B 308 -0.76 16.04 -1.97
N ASP B 309 -0.08 14.93 -1.74
CA ASP B 309 -0.67 13.60 -1.88
C ASP B 309 -0.42 12.75 -0.64
N TYR B 310 -1.13 11.64 -0.53
CA TYR B 310 -0.74 10.63 0.45
C TYR B 310 0.50 9.90 -0.05
N PRO B 311 1.65 10.16 0.57
CA PRO B 311 2.88 9.53 0.10
C PRO B 311 2.83 8.02 0.29
N ARG B 312 3.55 7.29 -0.55
CA ARG B 312 3.63 5.84 -0.44
C ARG B 312 4.93 5.41 0.23
N ILE B 313 4.82 4.57 1.26
CA ILE B 313 6.00 4.11 1.97
C ILE B 313 6.29 2.67 1.60
N ILE B 314 7.28 2.46 0.75
CA ILE B 314 7.67 1.12 0.32
C ILE B 314 8.99 0.78 0.99
N GLY B 315 8.92 0.02 2.08
CA GLY B 315 10.10 -0.29 2.87
C GLY B 315 10.30 -1.77 3.09
N GLU B 316 11.54 -2.23 2.96
CA GLU B 316 11.92 -3.59 3.30
C GLU B 316 12.90 -3.55 4.48
N THR B 317 12.55 -4.26 5.54
CA THR B 317 13.40 -4.30 6.72
C THR B 317 13.96 -5.70 6.85
N GLY B 318 14.80 -5.90 7.86
CA GLY B 318 15.32 -7.22 8.15
C GLY B 318 14.34 -7.98 9.02
N GLY B 319 14.85 -9.01 9.69
CA GLY B 319 14.06 -9.78 10.63
C GLY B 319 15.03 -10.55 11.49
N LYS B 320 14.51 -11.31 12.42
CA LYS B 320 15.32 -12.27 13.13
C LYS B 320 15.01 -13.62 12.50
N ASN B 321 15.77 -13.98 11.47
CA ASN B 321 15.40 -15.16 10.70
C ASN B 321 15.83 -16.44 11.40
N PHE B 322 15.03 -17.49 11.26
CA PHE B 322 15.23 -18.71 12.03
C PHE B 322 15.56 -19.94 11.19
N HIS B 323 16.34 -20.83 11.78
CA HIS B 323 16.52 -22.18 11.29
C HIS B 323 15.94 -23.12 12.35
N LEU B 324 14.95 -23.91 11.96
CA LEU B 324 14.35 -24.88 12.86
C LEU B 324 14.75 -26.27 12.42
N VAL B 325 15.41 -27.00 13.31
CA VAL B 325 15.88 -28.34 12.97
C VAL B 325 15.03 -29.39 13.67
N HIS B 326 14.37 -30.23 12.87
CA HIS B 326 13.56 -31.34 13.37
C HIS B 326 14.46 -32.56 13.59
N PRO B 327 14.13 -33.41 14.56
CA PRO B 327 15.00 -34.56 14.87
C PRO B 327 15.25 -35.49 13.69
N SER B 328 14.39 -35.45 12.67
CA SER B 328 14.56 -36.32 11.51
C SER B 328 15.46 -35.71 10.44
N ALA B 329 16.07 -34.55 10.73
CA ALA B 329 16.83 -33.84 9.70
C ALA B 329 18.12 -34.55 9.36
N ASN B 330 18.56 -34.43 8.11
CA ASN B 330 19.92 -34.82 7.79
C ASN B 330 20.82 -33.79 8.44
N ILE B 331 21.52 -34.19 9.49
CA ILE B 331 22.18 -33.24 10.37
C ILE B 331 23.29 -32.48 9.67
N SER B 332 24.05 -33.19 8.85
CA SER B 332 25.19 -32.60 8.15
C SER B 332 24.76 -31.46 7.22
N HIS B 333 23.66 -31.67 6.51
CA HIS B 333 23.15 -30.67 5.58
C HIS B 333 22.64 -29.47 6.35
N ALA B 334 21.97 -29.74 7.46
CA ALA B 334 21.44 -28.68 8.30
C ALA B 334 22.57 -27.83 8.86
N VAL B 335 23.67 -28.47 9.24
CA VAL B 335 24.82 -27.76 9.79
C VAL B 335 25.46 -26.85 8.74
N LEU B 336 25.75 -27.41 7.58
CA LEU B 336 26.38 -26.65 6.52
C LEU B 336 25.50 -25.47 6.09
N SER B 337 24.20 -25.73 5.96
CA SER B 337 23.25 -24.69 5.60
C SER B 337 23.21 -23.58 6.65
N THR B 338 23.32 -23.96 7.92
CA THR B 338 23.25 -22.99 9.00
C THR B 338 24.50 -22.10 9.04
N ILE B 339 25.66 -22.71 8.77
CA ILE B 339 26.90 -21.95 8.66
C ILE B 339 26.81 -20.92 7.53
N ARG B 340 26.41 -21.38 6.35
CA ARG B 340 26.29 -20.47 5.20
C ARG B 340 25.23 -19.40 5.46
N GLY B 341 24.08 -19.79 6.01
CA GLY B 341 22.99 -18.87 6.19
C GLY B 341 23.25 -17.83 7.27
N THR B 342 24.09 -18.19 8.24
CA THR B 342 24.35 -17.32 9.38
C THR B 342 25.56 -16.42 9.15
N PHE B 343 26.62 -17.01 8.61
CA PHE B 343 27.95 -16.41 8.69
C PHE B 343 28.43 -15.83 7.37
N GLU B 344 27.78 -16.21 6.27
CA GLU B 344 28.16 -15.70 4.97
C GLU B 344 27.99 -14.18 4.98
N PHE B 345 28.99 -13.48 4.46
CA PHE B 345 29.06 -12.02 4.53
C PHE B 345 28.80 -11.48 5.95
N GLN B 346 29.34 -12.19 6.94
CA GLN B 346 29.26 -11.80 8.34
C GLN B 346 27.82 -11.63 8.84
N GLY B 347 26.89 -12.31 8.19
CA GLY B 347 25.49 -12.25 8.58
C GLY B 347 24.83 -10.92 8.25
N GLN B 348 25.44 -10.17 7.35
CA GLN B 348 24.94 -8.83 6.99
C GLN B 348 23.95 -8.89 5.82
N LYS B 349 22.99 -9.80 5.92
CA LYS B 349 21.94 -9.94 4.93
C LYS B 349 20.61 -9.84 5.64
N CYS B 350 19.66 -9.15 5.03
CA CYS B 350 18.35 -9.03 5.64
CA CYS B 350 18.31 -9.03 5.58
C CYS B 350 17.73 -10.42 5.82
N SER B 351 18.17 -11.38 5.01
CA SER B 351 17.63 -12.74 5.10
C SER B 351 18.44 -13.70 5.98
N ALA B 352 19.51 -13.20 6.60
CA ALA B 352 20.46 -14.06 7.33
C ALA B 352 19.83 -14.79 8.50
N ALA B 353 20.19 -16.07 8.66
CA ALA B 353 19.80 -16.83 9.83
C ALA B 353 20.46 -16.23 11.08
N SER B 354 19.70 -16.01 12.14
CA SER B 354 20.32 -15.54 13.37
C SER B 354 19.82 -16.25 14.64
N ARG B 355 18.83 -17.11 14.48
CA ARG B 355 18.41 -17.96 15.60
C ARG B 355 18.17 -19.40 15.12
N LEU B 356 18.57 -20.35 15.94
CA LEU B 356 18.54 -21.76 15.57
C LEU B 356 17.83 -22.53 16.66
N TYR B 357 16.91 -23.42 16.27
CA TYR B 357 16.24 -24.28 17.24
C TYR B 357 16.65 -25.73 17.03
N LEU B 358 17.24 -26.32 18.06
CA LEU B 358 17.79 -27.66 17.99
C LEU B 358 17.10 -28.65 18.92
N PRO B 359 16.79 -29.84 18.42
CA PRO B 359 16.28 -30.89 19.30
C PRO B 359 17.41 -31.41 20.18
N GLU B 360 17.14 -31.58 21.47
CA GLU B 360 18.16 -32.00 22.43
C GLU B 360 18.93 -33.24 22.00
N SER B 361 18.24 -34.20 21.41
CA SER B 361 18.87 -35.47 21.04
C SER B 361 19.91 -35.33 19.94
N LYS B 362 19.89 -34.21 19.22
CA LYS B 362 20.79 -34.00 18.08
C LYS B 362 21.73 -32.80 18.27
N SER B 363 21.58 -32.11 19.40
CA SER B 363 22.30 -30.88 19.67
C SER B 363 23.80 -31.07 19.65
N GLU B 364 24.27 -32.03 20.45
CA GLU B 364 25.69 -32.31 20.58
C GLU B 364 26.32 -32.65 19.24
N GLU B 365 25.64 -33.48 18.44
CA GLU B 365 26.20 -33.85 17.16
C GLU B 365 26.26 -32.65 16.22
N PHE B 366 25.12 -31.95 16.10
CA PHE B 366 24.98 -30.75 15.27
C PHE B 366 26.08 -29.75 15.61
N LEU B 367 26.15 -29.38 16.89
CA LEU B 367 27.05 -28.32 17.33
C LEU B 367 28.51 -28.72 17.21
N SER B 368 28.81 -29.97 17.57
CA SER B 368 30.13 -30.53 17.35
C SER B 368 30.55 -30.42 15.88
N ASP B 369 29.66 -30.81 14.97
CA ASP B 369 29.91 -30.70 13.54
C ASP B 369 30.27 -29.27 13.16
N MET B 370 29.42 -28.34 13.60
CA MET B 370 29.54 -26.94 13.20
C MET B 370 30.83 -26.31 13.71
N PHE B 371 31.10 -26.52 14.99
CA PHE B 371 32.32 -25.96 15.58
C PHE B 371 33.55 -26.53 14.88
N GLY B 372 33.48 -27.79 14.48
CA GLY B 372 34.58 -28.42 13.75
C GLY B 372 34.85 -27.76 12.40
N ILE B 373 33.78 -27.52 11.64
CA ILE B 373 33.91 -26.90 10.33
C ILE B 373 34.39 -25.45 10.47
N LEU B 374 33.84 -24.74 11.44
CA LEU B 374 34.23 -23.36 11.69
C LEU B 374 35.71 -23.23 12.08
N GLN B 375 36.14 -24.09 13.01
CA GLN B 375 37.54 -24.10 13.43
C GLN B 375 38.46 -24.49 12.27
N SER B 376 37.93 -25.27 11.33
CA SER B 376 38.70 -25.67 10.14
C SER B 376 38.96 -24.45 9.25
N GLN B 377 37.90 -23.71 8.94
CA GLN B 377 38.00 -22.55 8.05
C GLN B 377 38.89 -21.45 8.63
N ARG B 395 42.60 -13.47 9.66
CA ARG B 395 42.76 -14.88 9.99
C ARG B 395 41.84 -15.29 11.14
N GLY B 396 40.92 -16.23 10.88
CA GLY B 396 39.93 -16.62 11.86
C GLY B 396 38.66 -15.81 11.69
N PHE B 397 38.66 -14.93 10.69
CA PHE B 397 37.51 -14.12 10.35
C PHE B 397 37.24 -14.32 8.86
N MET B 398 35.98 -14.48 8.49
CA MET B 398 35.63 -14.74 7.08
C MET B 398 35.60 -13.45 6.26
N GLY B 399 35.62 -12.31 6.95
CA GLY B 399 35.55 -11.02 6.33
C GLY B 399 35.14 -9.99 7.38
N PRO B 400 35.28 -8.70 7.07
CA PRO B 400 34.96 -7.65 8.04
C PRO B 400 33.46 -7.35 8.12
N VAL B 401 33.05 -6.75 9.23
CA VAL B 401 31.76 -6.06 9.28
C VAL B 401 31.98 -4.63 8.78
N ILE B 402 30.91 -3.90 8.54
CA ILE B 402 30.95 -2.72 7.68
C ILE B 402 31.63 -1.47 8.25
N HIS B 403 31.41 -1.19 9.53
CA HIS B 403 32.00 -0.02 10.18
C HIS B 403 32.16 -0.19 11.69
N GLU B 404 32.72 0.83 12.33
CA GLU B 404 33.07 0.78 13.75
C GLU B 404 31.82 0.64 14.63
N GLN B 405 30.75 1.31 14.22
CA GLN B 405 29.52 1.33 14.98
C GLN B 405 28.98 -0.10 15.08
N SER B 406 28.92 -0.78 13.94
CA SER B 406 28.49 -2.16 13.93
C SER B 406 29.46 -3.03 14.73
N PHE B 407 30.76 -2.77 14.57
CA PHE B 407 31.77 -3.49 15.33
C PHE B 407 31.53 -3.35 16.83
N ASP B 408 31.29 -2.12 17.28
CA ASP B 408 31.09 -1.86 18.71
C ASP B 408 29.81 -2.51 19.21
N LYS B 409 28.75 -2.48 18.40
CA LYS B 409 27.48 -3.09 18.79
C LYS B 409 27.66 -4.60 19.02
N LEU B 410 28.42 -5.24 18.14
CA LEU B 410 28.66 -6.67 18.21
C LEU B 410 29.53 -7.01 19.41
N VAL B 411 30.47 -6.13 19.73
CA VAL B 411 31.31 -6.33 20.91
C VAL B 411 30.45 -6.31 22.18
N LYS B 412 29.57 -5.32 22.28
CA LYS B 412 28.61 -5.24 23.39
C LYS B 412 27.81 -6.54 23.48
N VAL B 413 27.31 -7.02 22.34
CA VAL B 413 26.56 -8.29 22.28
C VAL B 413 27.36 -9.48 22.84
N ILE B 414 28.60 -9.58 22.41
CA ILE B 414 29.49 -10.66 22.82
C ILE B 414 29.83 -10.52 24.30
N GLU B 415 30.21 -9.31 24.70
CA GLU B 415 30.61 -9.06 26.09
C GLU B 415 29.46 -9.20 27.08
N ASP B 416 28.27 -8.77 26.68
CA ASP B 416 27.08 -8.90 27.51
C ASP B 416 26.69 -10.36 27.69
N ALA B 417 26.95 -11.17 26.68
CA ALA B 417 26.62 -12.58 26.75
C ALA B 417 27.43 -13.26 27.84
N LYS B 418 28.62 -12.74 28.09
CA LYS B 418 29.49 -13.30 29.10
C LYS B 418 28.97 -13.06 30.52
N LYS B 419 28.37 -11.90 30.74
CA LYS B 419 27.87 -11.56 32.07
C LYS B 419 26.43 -12.06 32.26
N ASP B 420 25.78 -12.46 31.17
CA ASP B 420 24.40 -12.95 31.23
C ASP B 420 24.37 -14.44 31.62
N PRO B 421 23.74 -14.74 32.76
CA PRO B 421 23.68 -16.11 33.28
C PRO B 421 22.71 -16.96 32.50
N GLU B 422 21.83 -16.32 31.70
CA GLU B 422 20.92 -17.07 30.85
C GLU B 422 21.48 -17.30 29.46
N LEU B 423 22.70 -16.82 29.22
CA LEU B 423 23.41 -17.09 27.97
C LEU B 423 24.69 -17.86 28.27
N GLU B 424 25.16 -18.62 27.29
CA GLU B 424 26.45 -19.29 27.35
C GLU B 424 27.08 -19.26 25.96
N ILE B 425 28.25 -18.65 25.83
CA ILE B 425 28.92 -18.62 24.54
C ILE B 425 29.57 -19.96 24.25
N LEU B 426 29.08 -20.65 23.22
CA LEU B 426 29.54 -22.00 22.91
C LEU B 426 30.78 -21.98 22.00
N TYR B 427 30.91 -20.92 21.23
CA TYR B 427 32.00 -20.82 20.27
C TYR B 427 32.24 -19.39 19.82
N GLY B 428 33.50 -19.02 19.70
CA GLY B 428 33.87 -17.77 19.05
C GLY B 428 33.85 -16.56 19.97
N GLY B 429 33.27 -15.47 19.49
CA GLY B 429 33.27 -14.23 20.25
C GLY B 429 34.58 -13.48 20.09
N GLN B 430 35.40 -13.92 19.13
CA GLN B 430 36.66 -13.22 18.86
C GLN B 430 36.34 -11.91 18.15
N TYR B 431 37.12 -10.89 18.47
CA TYR B 431 37.06 -9.61 17.75
C TYR B 431 38.38 -8.85 17.78
N ASP B 432 38.61 -8.06 16.74
CA ASP B 432 39.87 -7.35 16.55
C ASP B 432 39.64 -6.15 15.63
N LYS B 433 39.82 -4.95 16.17
CA LYS B 433 39.63 -3.73 15.39
C LYS B 433 40.97 -3.08 15.03
N SER B 434 42.07 -3.77 15.29
CA SER B 434 43.39 -3.17 15.08
C SER B 434 43.65 -2.84 13.62
N GLN B 435 43.13 -3.69 12.72
CA GLN B 435 43.35 -3.51 11.28
C GLN B 435 42.06 -3.23 10.53
N GLY B 436 41.02 -3.99 10.83
CA GLY B 436 39.72 -3.80 10.21
C GLY B 436 38.65 -4.13 11.23
N TRP B 437 37.38 -4.09 10.83
CA TRP B 437 36.31 -4.39 11.77
C TRP B 437 36.03 -5.88 11.69
N PHE B 438 36.84 -6.65 12.40
CA PHE B 438 36.76 -8.10 12.34
C PHE B 438 36.12 -8.71 13.59
N VAL B 439 34.95 -9.29 13.39
CA VAL B 439 34.23 -10.05 14.41
C VAL B 439 34.10 -11.48 13.88
N GLY B 440 34.50 -12.44 14.69
CA GLY B 440 34.53 -13.83 14.27
C GLY B 440 33.17 -14.49 14.43
N PRO B 441 33.01 -15.66 13.80
CA PRO B 441 31.75 -16.40 13.99
C PRO B 441 31.54 -16.69 15.48
N THR B 442 30.31 -16.50 15.96
CA THR B 442 30.00 -16.70 17.37
C THR B 442 28.70 -17.47 17.50
N VAL B 443 28.66 -18.42 18.42
CA VAL B 443 27.44 -19.20 18.67
C VAL B 443 27.08 -19.13 20.14
N ILE B 444 25.86 -18.71 20.43
CA ILE B 444 25.44 -18.43 21.80
C ILE B 444 24.20 -19.23 22.15
N LYS B 445 24.26 -19.97 23.25
CA LYS B 445 23.13 -20.77 23.69
C LYS B 445 22.32 -19.99 24.69
N ALA B 446 20.99 -20.07 24.57
CA ALA B 446 20.11 -19.38 25.49
C ALA B 446 19.32 -20.38 26.32
N LYS B 447 19.20 -20.10 27.61
CA LYS B 447 18.48 -20.98 28.53
C LYS B 447 16.98 -20.99 28.21
N ARG B 448 16.46 -19.87 27.73
CA ARG B 448 15.04 -19.79 27.41
C ARG B 448 14.81 -19.22 26.02
N PRO B 449 13.76 -19.72 25.34
CA PRO B 449 13.49 -19.35 23.94
C PRO B 449 13.03 -17.91 23.81
N ASP B 450 12.61 -17.29 24.90
CA ASP B 450 12.12 -15.92 24.81
C ASP B 450 13.15 -14.91 25.32
N HIS B 451 14.39 -15.35 25.47
CA HIS B 451 15.48 -14.45 25.79
C HIS B 451 15.66 -13.44 24.65
N PRO B 452 15.90 -12.16 25.00
CA PRO B 452 16.06 -11.07 24.01
C PRO B 452 17.00 -11.42 22.83
N TYR B 453 18.01 -12.26 23.07
CA TYR B 453 18.94 -12.64 22.02
C TYR B 453 18.28 -13.47 20.92
N MET B 454 17.16 -14.11 21.26
CA MET B 454 16.39 -14.86 20.27
C MET B 454 15.52 -13.93 19.43
N SER B 455 15.50 -12.64 19.75
CA SER B 455 14.64 -11.73 18.99
C SER B 455 15.28 -10.40 18.55
N THR B 456 16.40 -10.03 19.16
CA THR B 456 17.04 -8.76 18.83
C THR B 456 17.93 -8.92 17.59
N GLU B 457 17.73 -8.07 16.59
CA GLU B 457 18.51 -8.15 15.35
C GLU B 457 19.93 -7.60 15.55
N PHE B 458 20.94 -8.43 15.28
CA PHE B 458 22.35 -8.08 15.53
C PHE B 458 23.12 -7.68 14.26
N PHE B 459 22.64 -8.12 13.10
CA PHE B 459 23.31 -7.90 11.82
C PHE B 459 24.81 -8.13 11.90
N GLY B 460 25.19 -9.34 12.30
CA GLY B 460 26.57 -9.74 12.48
C GLY B 460 26.66 -11.24 12.49
N PRO B 461 27.89 -11.78 12.57
CA PRO B 461 28.12 -13.23 12.56
C PRO B 461 27.83 -13.88 13.92
N ILE B 462 26.62 -13.67 14.43
CA ILE B 462 26.24 -14.12 15.77
C ILE B 462 24.97 -14.94 15.75
N LEU B 463 25.09 -16.22 16.12
CA LEU B 463 23.96 -17.13 16.08
C LEU B 463 23.51 -17.42 17.50
N THR B 464 22.22 -17.26 17.80
CA THR B 464 21.69 -17.64 19.13
C THR B 464 20.98 -18.97 18.97
N VAL B 465 21.28 -19.93 19.85
CA VAL B 465 20.72 -21.27 19.73
C VAL B 465 19.91 -21.67 20.96
N TYR B 466 18.71 -22.21 20.72
CA TYR B 466 17.92 -22.77 21.80
C TYR B 466 17.68 -24.25 21.54
N GLU B 467 17.98 -25.05 22.56
CA GLU B 467 17.79 -26.49 22.49
C GLU B 467 16.45 -26.88 23.11
N TYR B 468 15.64 -27.61 22.36
CA TYR B 468 14.30 -27.98 22.80
C TYR B 468 14.20 -29.50 22.84
N PRO B 469 13.45 -30.02 23.84
CA PRO B 469 13.25 -31.47 23.98
C PRO B 469 12.45 -31.99 22.79
N ASP B 470 12.95 -33.06 22.17
CA ASP B 470 12.41 -33.59 20.92
C ASP B 470 10.89 -33.66 20.82
N THR B 471 10.25 -34.11 21.89
CA THR B 471 8.81 -34.31 21.88
C THR B 471 8.05 -32.99 21.78
N GLU B 472 8.70 -31.89 22.14
CA GLU B 472 8.04 -30.60 22.11
C GLU B 472 8.26 -29.80 20.82
N PHE B 473 8.48 -30.50 19.72
CA PHE B 473 8.66 -29.86 18.42
C PHE B 473 7.45 -29.02 18.03
N ASN B 474 6.26 -29.58 18.20
CA ASN B 474 5.04 -28.86 17.87
C ASN B 474 4.92 -27.59 18.70
N GLU B 475 5.17 -27.71 20.00
CA GLU B 475 5.17 -26.56 20.91
C GLU B 475 6.19 -25.50 20.47
N ILE B 476 7.37 -25.95 20.04
CA ILE B 476 8.41 -25.02 19.62
C ILE B 476 7.96 -24.25 18.38
N CYS B 477 7.19 -24.90 17.50
CA CYS B 477 6.61 -24.20 16.36
C CYS B 477 5.66 -23.12 16.85
N ASP B 478 4.85 -23.46 17.86
CA ASP B 478 3.87 -22.53 18.41
C ASP B 478 4.58 -21.34 19.05
N ILE B 479 5.69 -21.60 19.72
CA ILE B 479 6.43 -20.53 20.36
C ILE B 479 6.96 -19.55 19.32
N ILE B 480 7.59 -20.07 18.28
CA ILE B 480 8.07 -19.24 17.18
C ILE B 480 6.95 -18.42 16.58
N ASP B 481 5.81 -19.05 16.31
CA ASP B 481 4.65 -18.33 15.80
C ASP B 481 4.20 -17.23 16.76
N ASN B 482 3.85 -17.62 17.99
CA ASN B 482 3.39 -16.67 19.01
C ASN B 482 4.41 -15.59 19.34
N THR B 483 5.70 -15.96 19.39
CA THR B 483 6.76 -14.99 19.65
C THR B 483 6.70 -13.81 18.68
N TYR B 486 8.18 -12.14 13.94
CA TYR B 486 8.45 -10.92 13.18
C TYR B 486 9.62 -11.13 12.21
N ALA B 487 9.55 -12.17 11.39
CA ALA B 487 10.69 -12.55 10.56
C ALA B 487 10.45 -12.45 9.05
N LEU B 488 11.54 -12.25 8.33
CA LEU B 488 11.53 -12.17 6.90
C LEU B 488 11.64 -13.59 6.32
N THR B 489 12.57 -14.38 6.85
CA THR B 489 12.76 -15.73 6.34
C THR B 489 12.87 -16.76 7.48
N GLY B 490 12.65 -18.02 7.12
CA GLY B 490 12.68 -19.08 8.08
C GLY B 490 12.85 -20.37 7.31
N ALA B 491 13.41 -21.37 7.97
CA ALA B 491 13.64 -22.66 7.35
C ALA B 491 13.41 -23.79 8.34
N ILE B 492 12.89 -24.91 7.83
CA ILE B 492 12.84 -26.15 8.59
C ILE B 492 13.75 -27.20 7.94
N PHE B 493 14.51 -27.89 8.77
CA PHE B 493 15.31 -29.01 8.30
C PHE B 493 14.69 -30.27 8.87
N ALA B 494 14.25 -31.15 7.98
CA ALA B 494 13.47 -32.32 8.34
C ALA B 494 13.37 -33.26 7.16
N LYS B 495 13.17 -34.54 7.46
CA LYS B 495 12.80 -35.50 6.43
C LYS B 495 11.33 -35.86 6.56
N ASP B 496 10.85 -35.99 7.80
CA ASP B 496 9.47 -36.36 8.11
C ASP B 496 8.41 -35.39 7.56
N ARG B 497 7.62 -35.83 6.59
CA ARG B 497 6.65 -34.98 5.91
C ARG B 497 5.53 -34.42 6.80
N LYS B 498 5.20 -35.15 7.87
CA LYS B 498 4.15 -34.71 8.77
C LYS B 498 4.62 -33.48 9.56
N ALA B 499 5.87 -33.53 10.01
CA ALA B 499 6.46 -32.41 10.71
C ALA B 499 6.66 -31.20 9.79
N ILE B 500 7.05 -31.46 8.55
CA ILE B 500 7.23 -30.39 7.58
C ILE B 500 5.92 -29.70 7.29
N GLU B 501 4.88 -30.50 7.02
CA GLU B 501 3.55 -29.93 6.75
C GLU B 501 3.12 -29.09 7.92
N TYR B 502 3.34 -29.60 9.13
CA TYR B 502 2.90 -28.94 10.35
C TYR B 502 3.58 -27.60 10.54
N ALA B 503 4.89 -27.55 10.40
CA ALA B 503 5.62 -26.31 10.55
C ALA B 503 5.27 -25.36 9.41
N ASP B 504 5.14 -25.91 8.22
CA ASP B 504 4.74 -25.12 7.05
C ASP B 504 3.46 -24.34 7.36
N GLU B 505 2.46 -25.02 7.93
CA GLU B 505 1.20 -24.36 8.26
C GLU B 505 1.32 -23.47 9.50
N LYS B 506 1.87 -24.01 10.58
CA LYS B 506 1.94 -23.26 11.85
C LYS B 506 2.76 -21.99 11.77
N LEU B 507 3.71 -21.92 10.84
CA LEU B 507 4.62 -20.79 10.76
C LEU B 507 4.31 -19.92 9.55
N LYS B 508 3.07 -20.06 9.05
CA LYS B 508 2.62 -19.32 7.86
C LYS B 508 2.78 -17.82 8.00
N PHE B 509 2.51 -17.28 9.19
CA PHE B 509 2.67 -15.85 9.43
C PHE B 509 4.05 -15.49 10.01
N SER B 510 4.95 -16.47 10.12
CA SER B 510 6.23 -16.22 10.80
C SER B 510 7.35 -15.82 9.86
N ALA B 511 7.10 -15.95 8.55
CA ALA B 511 8.10 -15.63 7.55
C ALA B 511 7.40 -15.43 6.22
N GLY B 512 7.88 -14.47 5.44
CA GLY B 512 7.35 -14.26 4.11
C GLY B 512 7.95 -15.30 3.19
N ASN B 513 9.12 -15.79 3.55
CA ASN B 513 9.77 -16.83 2.75
C ASN B 513 10.19 -17.97 3.64
N PHE B 514 9.67 -19.15 3.32
CA PHE B 514 9.87 -20.33 4.13
C PHE B 514 10.64 -21.34 3.29
N TYR B 515 11.63 -21.96 3.91
CA TYR B 515 12.50 -22.89 3.20
C TYR B 515 12.44 -24.27 3.84
N ILE B 516 12.47 -25.30 3.00
CA ILE B 516 12.49 -26.68 3.47
C ILE B 516 13.83 -27.28 3.04
N ASN B 517 14.67 -27.61 4.03
CA ASN B 517 15.99 -28.19 3.78
C ASN B 517 16.86 -27.30 2.91
N ASP B 518 16.74 -26.00 3.15
CA ASP B 518 17.55 -24.99 2.46
C ASP B 518 17.80 -23.86 3.45
N LYS B 519 18.97 -23.23 3.37
CA LYS B 519 19.26 -22.08 4.21
C LYS B 519 18.21 -20.97 3.98
N CYS B 520 17.91 -20.20 5.02
CA CYS B 520 16.85 -19.20 4.91
C CYS B 520 17.30 -17.96 4.14
N THR B 521 18.55 -17.94 3.70
CA THR B 521 19.01 -16.88 2.81
C THR B 521 18.74 -17.27 1.35
N GLY B 522 18.34 -18.52 1.13
CA GLY B 522 18.00 -19.00 -0.20
C GLY B 522 19.21 -19.43 -1.01
N ASN B 546 5.45 -6.66 -10.07
CA ASN B 546 5.43 -7.02 -8.66
C ASN B 546 5.47 -5.78 -7.77
N ILE B 547 6.69 -5.32 -7.49
CA ILE B 547 6.92 -4.08 -6.75
C ILE B 547 6.75 -2.86 -7.66
N LEU B 548 6.84 -3.05 -8.97
CA LEU B 548 6.71 -1.96 -9.93
C LEU B 548 5.35 -1.28 -9.80
N SER B 549 4.33 -2.07 -9.50
CA SER B 549 2.98 -1.55 -9.41
C SER B 549 2.81 -0.54 -8.28
N ARG B 550 3.70 -0.57 -7.29
CA ARG B 550 3.61 0.39 -6.18
C ARG B 550 4.08 1.78 -6.61
N PHE B 551 4.70 1.90 -7.77
CA PHE B 551 5.17 3.19 -8.23
C PHE B 551 4.37 3.75 -9.41
N VAL B 552 3.18 3.18 -9.63
CA VAL B 552 2.26 3.70 -10.64
C VAL B 552 0.84 3.77 -10.09
N SER B 553 -0.01 4.56 -10.73
CA SER B 553 -1.45 4.46 -10.52
C SER B 553 -2.18 4.23 -11.84
N ILE B 554 -3.27 3.46 -11.81
CA ILE B 554 -4.04 3.22 -13.02
C ILE B 554 -4.97 4.38 -13.29
N ARG B 555 -5.01 4.80 -14.54
CA ARG B 555 -5.97 5.79 -14.95
C ARG B 555 -6.77 5.19 -16.12
N ASN B 556 -8.09 5.14 -15.97
CA ASN B 556 -8.93 4.61 -17.04
C ASN B 556 -9.57 5.74 -17.77
N THR B 557 -9.62 5.61 -19.09
CA THR B 557 -10.37 6.53 -19.90
C THR B 557 -11.49 5.76 -20.60
N LYS B 558 -12.70 6.26 -20.50
CA LYS B 558 -13.83 5.60 -21.14
C LYS B 558 -14.54 6.59 -22.02
N GLU B 559 -14.65 6.27 -23.29
CA GLU B 559 -15.39 7.11 -24.19
C GLU B 559 -16.74 6.51 -24.51
N ASN B 560 -17.76 7.34 -24.48
CA ASN B 560 -19.10 6.98 -24.90
C ASN B 560 -19.44 7.62 -26.25
N PHE B 561 -20.04 6.84 -27.15
CA PHE B 561 -20.41 7.33 -28.48
C PHE B 561 -21.87 7.74 -28.66
N TYR B 562 -22.74 7.27 -27.77
CA TYR B 562 -24.17 7.58 -27.90
C TYR B 562 -24.52 8.98 -27.36
N GLU B 563 -25.47 9.65 -28.01
CA GLU B 563 -25.88 10.98 -27.58
C GLU B 563 -27.31 10.95 -27.04
N LEU B 564 -27.47 11.30 -25.77
CA LEU B 564 -28.77 11.32 -25.09
C LEU B 564 -29.80 12.25 -25.75
PA NAD C . -18.81 10.08 6.15
O1A NAD C . -17.28 10.41 6.14
O2A NAD C . -19.69 11.02 6.84
O5B NAD C . -19.27 8.82 6.82
C5B NAD C . -18.79 7.56 6.40
C4B NAD C . -18.55 6.59 7.54
O4B NAD C . -17.62 7.09 8.48
C3B NAD C . -19.79 6.17 8.29
O3B NAD C . -19.70 4.82 8.64
C2B NAD C . -19.72 7.11 9.44
O2B NAD C . -20.49 6.79 10.54
C1B NAD C . -18.27 7.09 9.73
N9A NAD C . -17.83 8.26 10.48
C8A NAD C . -18.39 9.54 10.45
N7A NAD C . -17.67 10.35 11.25
C5A NAD C . -16.64 9.66 11.82
C6A NAD C . -15.61 9.98 12.68
N6A NAD C . -15.50 11.31 13.19
N1A NAD C . -14.73 9.05 13.06
C2A NAD C . -14.81 7.78 12.61
N3A NAD C . -15.80 7.42 11.74
C4A NAD C . -16.71 8.31 11.34
O3 NAD C . -19.44 10.11 4.81
PN NAD C . -20.89 9.68 4.30
O1N NAD C . -21.79 10.88 4.30
O2N NAD C . -21.52 8.56 5.10
O5D NAD C . -20.63 9.21 2.84
C5D NAD C . -20.46 10.17 1.86
C4D NAD C . -19.03 10.23 1.33
O4D NAD C . -18.76 9.25 0.37
C3D NAD C . -18.80 11.55 0.70
O3D NAD C . -18.20 12.46 1.54
C2D NAD C . -17.98 11.26 -0.48
O2D NAD C . -16.82 12.00 -0.45
C1D NAD C . -17.75 9.77 -0.46
PA NAD D . 20.37 1.31 8.19
O1A NAD D . 18.95 1.52 8.79
O2A NAD D . 21.54 1.52 9.03
O5B NAD D . 20.78 2.15 7.03
C5B NAD D . 19.97 2.13 5.88
C4B NAD D . 19.92 3.49 5.20
O4B NAD D . 19.20 4.42 5.97
C3B NAD D . 21.27 4.03 4.91
O3B NAD D . 21.31 4.55 3.64
C2B NAD D . 21.44 5.07 5.96
O2B NAD D . 22.30 6.10 5.65
C1B NAD D . 20.05 5.53 6.16
N9A NAD D . 19.88 5.98 7.49
C8A NAD D . 20.56 5.53 8.61
N7A NAD D . 20.09 6.17 9.68
C5A NAD D . 19.07 7.03 9.31
C6A NAD D . 18.24 7.92 9.98
N6A NAD D . 18.36 8.08 11.39
N1A NAD D . 17.34 8.62 9.30
C2A NAD D . 17.20 8.50 7.95
N3A NAD D . 18.00 7.66 7.26
C4A NAD D . 18.91 6.92 7.90
O3 NAD D . 20.64 -0.07 7.73
PN NAD D . 21.99 -0.62 7.11
O1N NAD D . 23.03 -0.75 8.19
O2N NAD D . 22.53 0.25 6.00
O5D NAD D . 21.62 -2.06 6.60
#